data_6LTA
#
_entry.id   6LTA
#
_cell.length_a   103.355
_cell.length_b   167.650
_cell.length_c   194.120
_cell.angle_alpha   90.000
_cell.angle_beta   90.000
_cell.angle_gamma   90.000
#
_symmetry.space_group_name_H-M   'C 2 2 21'
#
loop_
_entity.id
_entity.type
_entity.pdbx_description
1 polymer 'Nonribosomal peptide synthetase'
2 non-polymer 'ACRYLIC ACID'
3 water water
#
_entity_poly.entity_id   1
_entity_poly.type   'polypeptide(L)'
_entity_poly.pdbx_seq_one_letter_code
;MNHKVHHHHHHIEGRHMTISVPGHGTLGAPDGAAAPGGEAAELPPLVPEPGDAGQPFPLTPTQQALWVGRADAVDLGDIG
CYGYFEWERPELDLARYRRAWERLVAHHPGLRTVVRPDGTQHVLERPGPVPITVEDLRQDPDAVRRLEESRAERGHRALD
PGTWPMFDLRVVLLSGRVRVQLGIDLQLMDASSLFLNLFSDLVTLYDDPDAALASQKLAFRDFARWLEEDVRGGARWRAD
WAYWQERLDGLPPAPDLPAARYGAQGPGKFERCMVRCPAEEFALLRERALAHGLTETELLVGAFAEVLRGWSSDPAFTLN
VPVFQRFDVPGIEDVIGDYTNPILLEARPEGRTVAERIVALAARLRADTRHASVNGVEVLRELARRRGLAAAAMPVVVTS
LLGLPSAARSITEFGTEVHSITQTPQVSLDFQIRPEDGELRLVWDHRSGAFAPGVVEGAFEAFLDLVGRMLADEPGHGVW
EAPFADMRSRRDRAVWNETNDTAEPVPAVLLQERFFAQARRTPDAEAVVASGLRLTYDELARHAYRIGNTLRERGVRPGD
LVGVVMEKGWEQYAAVYGILAAGGAYLPIDAASPRGRVARLLESAGAGIVLTQSRLRDELDLPAGTTVLRADTDFETAST
APLTPVQGPDDPAYVIYTSGSTGEPKGVVVAHRGVANLVRDVRRRFAVTPADRLLALSGLHFDASVYDVFGPLACGATVV
VPPPFRRAEPDVWAELVRDERVTFWNSVPVLLELLVGEAESRDDRPLATLRLAVVSGDWIPLDLPGRARAQAPGLRVVGS
GGPTETICWSLFHPIDAVDPQWTSIPYGKPIANQRYYIVDRDLRPRPTWARGEMAVASPLGLALGYLNDPERTAAKFVTL
PGTGERAYLTGDFGRLLPDGGIEILGREDFQVKVAGQRIELGEIEALLHRADGVRAAVVTAPRSSADVVRLQAFVVPETG
ARLSADALREHLSAELPAAMVPAAIRLLPELPLTANGKVDRLALARLAAAPEEAPEPEARTDYAPRTDVGLLAELVAACV
AELLGLDEVPTTGNFFRLGGDALSGTRLASRLQDLLGAPVPIRTVFGNPVLGDLASAIAGDPAAGPQAIRVARLLHTLEE
PDEKPGEKPDAEPAGEPDAGSRTSAWSHPQFEK
;
_entity_poly.pdbx_strand_id   A
#
# COMPACT_ATOMS: atom_id res chain seq x y z
N ALA A 40 14.85 -3.33 -38.05
CA ALA A 40 15.17 -1.96 -37.66
C ALA A 40 14.85 -1.00 -38.81
N ALA A 41 13.56 -0.75 -39.03
CA ALA A 41 13.12 0.06 -40.17
C ALA A 41 13.66 1.49 -40.05
N GLU A 42 14.44 1.91 -41.04
CA GLU A 42 14.97 3.27 -41.03
C GLU A 42 13.83 4.29 -41.07
N LEU A 43 14.16 5.58 -40.62
CA LEU A 43 13.15 6.62 -40.53
C LEU A 43 13.25 7.57 -41.72
N PRO A 44 12.17 8.26 -42.07
CA PRO A 44 12.23 9.23 -43.16
C PRO A 44 13.17 10.36 -42.82
N PRO A 45 13.71 11.06 -43.81
CA PRO A 45 14.61 12.17 -43.53
C PRO A 45 13.83 13.44 -43.18
N LEU A 46 14.52 14.35 -42.49
CA LEU A 46 13.94 15.62 -42.06
C LEU A 46 14.27 16.69 -43.09
N VAL A 47 13.24 17.30 -43.68
CA VAL A 47 13.50 18.37 -44.64
C VAL A 47 13.09 19.72 -44.05
N PRO A 48 14.06 20.54 -43.64
CA PRO A 48 13.74 21.84 -43.02
C PRO A 48 12.89 22.72 -43.94
N GLU A 49 11.96 23.49 -43.34
CA GLU A 49 11.03 24.34 -44.09
C GLU A 49 11.04 25.77 -43.57
N PRO A 50 12.08 26.56 -43.91
CA PRO A 50 12.22 27.90 -43.32
C PRO A 50 11.23 28.95 -43.80
N GLY A 51 10.58 28.74 -44.95
CA GLY A 51 9.53 29.64 -45.38
C GLY A 51 8.35 29.72 -44.42
N ASP A 52 8.20 28.73 -43.55
CA ASP A 52 7.09 28.75 -42.59
C ASP A 52 7.57 28.86 -41.15
N ALA A 53 8.81 29.33 -40.94
CA ALA A 53 9.42 29.34 -39.61
C ALA A 53 8.53 30.04 -38.58
N GLY A 54 7.77 31.05 -39.01
CA GLY A 54 6.83 31.76 -38.17
C GLY A 54 5.41 31.24 -38.16
N GLN A 55 5.13 30.14 -38.91
CA GLN A 55 3.78 29.58 -39.05
C GLN A 55 3.42 28.72 -37.83
N PRO A 56 2.13 28.68 -37.47
CA PRO A 56 1.70 27.78 -36.40
C PRO A 56 2.19 26.35 -36.60
N PHE A 57 2.29 25.63 -35.49
CA PHE A 57 2.62 24.20 -35.49
C PHE A 57 2.14 23.62 -34.17
N PRO A 58 1.97 22.30 -34.10
CA PRO A 58 1.35 21.71 -32.90
C PRO A 58 2.33 21.60 -31.73
N LEU A 59 1.76 21.55 -30.54
CA LEU A 59 2.52 21.16 -29.37
C LEU A 59 2.99 19.72 -29.52
N THR A 60 4.19 19.44 -28.99
CA THR A 60 4.63 18.06 -28.84
C THR A 60 3.67 17.30 -27.92
N PRO A 61 3.62 15.97 -28.02
CA PRO A 61 2.69 15.22 -27.17
C PRO A 61 2.88 15.52 -25.70
N THR A 62 4.11 15.77 -25.29
CA THR A 62 4.38 16.06 -23.88
C THR A 62 4.05 17.52 -23.54
N GLN A 63 4.20 18.44 -24.49
CA GLN A 63 3.75 19.81 -24.28
C GLN A 63 2.23 19.90 -24.19
N GLN A 64 1.52 19.10 -25.00
CA GLN A 64 0.05 19.07 -24.96
C GLN A 64 -0.45 18.63 -23.59
N ALA A 65 0.20 17.62 -23.00
CA ALA A 65 -0.20 17.13 -21.69
C ALA A 65 -0.06 18.21 -20.62
N LEU A 66 1.04 18.99 -20.66
CA LEU A 66 1.20 20.08 -19.70
C LEU A 66 0.19 21.20 -19.93
N TRP A 67 -0.16 21.45 -21.20
CA TRP A 67 -1.13 22.50 -21.55
C TRP A 67 -2.49 22.23 -20.89
N VAL A 68 -3.04 21.04 -21.10
CA VAL A 68 -4.32 20.71 -20.48
C VAL A 68 -4.16 20.33 -19.00
N GLY A 69 -3.01 19.79 -18.60
CA GLY A 69 -2.80 19.28 -17.24
C GLY A 69 -2.51 20.33 -16.18
N ARG A 70 -2.10 21.54 -16.59
CA ARG A 70 -2.08 22.68 -15.66
C ARG A 70 -3.47 23.24 -15.41
N ALA A 71 -4.37 23.17 -16.42
CA ALA A 71 -5.73 23.68 -16.30
C ALA A 71 -6.67 22.66 -15.63
N GLY A 80 0.91 24.40 -10.32
CA GLY A 80 2.08 25.26 -10.49
C GLY A 80 2.63 25.26 -11.90
N CYS A 81 3.31 24.18 -12.27
CA CYS A 81 3.89 23.96 -13.59
C CYS A 81 4.99 24.95 -13.99
N TYR A 82 6.15 24.89 -13.31
CA TYR A 82 7.28 25.77 -13.61
C TYR A 82 8.53 25.24 -12.92
N GLY A 83 9.68 25.68 -13.41
CA GLY A 83 10.96 25.42 -12.77
C GLY A 83 11.55 26.73 -12.27
N TYR A 84 12.33 26.66 -11.21
CA TYR A 84 12.85 27.88 -10.62
C TYR A 84 14.28 27.67 -10.18
N PHE A 85 15.11 28.67 -10.43
CA PHE A 85 16.53 28.62 -10.17
C PHE A 85 16.98 29.95 -9.59
N GLU A 86 17.92 29.90 -8.68
CA GLU A 86 18.39 31.10 -8.01
C GLU A 86 19.87 30.90 -7.74
N TRP A 87 20.69 31.76 -8.31
CA TRP A 87 22.13 31.67 -8.09
C TRP A 87 22.60 32.95 -7.43
N GLU A 88 23.72 32.85 -6.75
CA GLU A 88 24.31 33.98 -6.07
C GLU A 88 25.70 34.19 -6.61
N ARG A 89 26.08 35.45 -6.81
CA ARG A 89 27.43 35.82 -7.15
C ARG A 89 27.76 37.13 -6.44
N PRO A 90 29.05 37.45 -6.26
CA PRO A 90 29.38 38.72 -5.60
C PRO A 90 28.95 39.95 -6.39
N GLU A 91 29.26 39.97 -7.68
CA GLU A 91 28.92 41.07 -8.59
C GLU A 91 28.11 40.52 -9.77
N LEU A 92 27.29 41.40 -10.36
CA LEU A 92 26.75 41.13 -11.68
C LEU A 92 26.77 42.42 -12.50
N ASP A 93 27.32 42.34 -13.71
CA ASP A 93 27.30 43.43 -14.67
C ASP A 93 25.97 43.38 -15.42
N LEU A 94 25.02 44.24 -15.02
CA LEU A 94 23.67 44.16 -15.58
C LEU A 94 23.62 44.48 -17.05
N ALA A 95 24.47 45.39 -17.53
CA ALA A 95 24.48 45.69 -18.95
C ALA A 95 24.87 44.46 -19.77
N ARG A 96 25.89 43.73 -19.32
CA ARG A 96 26.34 42.54 -20.03
C ARG A 96 25.32 41.42 -19.89
N TYR A 97 24.64 41.36 -18.75
CA TYR A 97 23.63 40.34 -18.54
C TYR A 97 22.43 40.56 -19.46
N ARG A 98 21.98 41.82 -19.60
CA ARG A 98 20.89 42.12 -20.54
CA ARG A 98 20.89 42.11 -20.53
C ARG A 98 21.32 41.84 -21.98
N ARG A 99 22.53 42.22 -22.33
CA ARG A 99 23.00 41.92 -23.69
C ARG A 99 23.02 40.41 -23.94
N ALA A 100 23.42 39.62 -22.93
CA ALA A 100 23.43 38.18 -23.09
C ALA A 100 22.03 37.64 -23.34
N TRP A 101 21.05 38.07 -22.54
CA TRP A 101 19.70 37.57 -22.73
C TRP A 101 19.09 38.07 -24.06
N GLU A 102 19.42 39.30 -24.48
CA GLU A 102 18.91 39.77 -25.76
C GLU A 102 19.45 38.94 -26.92
N ARG A 103 20.71 38.52 -26.81
CA ARG A 103 21.29 37.63 -27.81
C ARG A 103 20.68 36.23 -27.75
N LEU A 104 20.50 35.67 -26.53
CA LEU A 104 19.87 34.36 -26.39
C LEU A 104 18.50 34.35 -26.99
N VAL A 105 17.69 35.37 -26.68
CA VAL A 105 16.33 35.44 -27.21
C VAL A 105 16.36 35.56 -28.73
N ALA A 106 17.27 36.38 -29.26
CA ALA A 106 17.36 36.50 -30.72
C ALA A 106 17.85 35.21 -31.36
N HIS A 107 18.78 34.52 -30.72
CA HIS A 107 19.42 33.36 -31.36
C HIS A 107 18.51 32.12 -31.36
N HIS A 108 17.73 31.93 -30.30
CA HIS A 108 17.03 30.66 -30.08
C HIS A 108 15.54 30.81 -30.31
N PRO A 109 14.98 30.33 -31.42
CA PRO A 109 13.53 30.49 -31.63
C PRO A 109 12.68 29.99 -30.47
N GLY A 110 13.15 28.96 -29.76
CA GLY A 110 12.35 28.40 -28.68
C GLY A 110 12.08 29.40 -27.57
N LEU A 111 12.97 30.38 -27.40
CA LEU A 111 12.77 31.42 -26.40
C LEU A 111 11.79 32.49 -26.86
N ARG A 112 11.35 32.42 -28.11
CA ARG A 112 10.38 33.35 -28.70
C ARG A 112 9.09 32.64 -29.08
N THR A 113 8.85 31.43 -28.59
CA THR A 113 7.69 30.64 -28.96
C THR A 113 6.59 30.84 -27.93
N VAL A 114 5.38 31.09 -28.41
CA VAL A 114 4.21 31.32 -27.57
C VAL A 114 3.08 30.40 -28.02
N VAL A 115 2.23 30.04 -27.08
CA VAL A 115 1.09 29.18 -27.36
C VAL A 115 -0.12 30.06 -27.66
N ARG A 116 -0.76 29.82 -28.80
CA ARG A 116 -1.94 30.56 -29.18
C ARG A 116 -3.15 30.05 -28.37
N PRO A 117 -4.23 30.83 -28.28
CA PRO A 117 -5.39 30.37 -27.50
C PRO A 117 -5.95 29.03 -27.98
N ASP A 118 -5.84 28.68 -29.28
CA ASP A 118 -6.30 27.41 -29.84
C ASP A 118 -5.31 26.26 -29.66
N GLY A 119 -4.35 26.35 -28.73
CA GLY A 119 -3.51 25.21 -28.41
C GLY A 119 -2.46 24.87 -29.45
N THR A 120 -2.19 25.76 -30.40
CA THR A 120 -1.04 25.67 -31.28
C THR A 120 -0.02 26.75 -30.91
N GLN A 121 1.20 26.59 -31.40
CA GLN A 121 2.27 27.47 -30.99
C GLN A 121 2.96 28.04 -32.22
N HIS A 122 3.64 29.16 -32.03
CA HIS A 122 4.37 29.80 -33.12
C HIS A 122 5.46 30.69 -32.53
N VAL A 123 6.34 31.17 -33.41
CA VAL A 123 7.57 31.86 -33.07
C VAL A 123 7.41 33.35 -33.39
N LEU A 124 7.34 34.18 -32.36
CA LEU A 124 7.36 35.63 -32.59
C LEU A 124 8.69 36.03 -33.20
N GLU A 125 8.63 36.99 -34.13
CA GLU A 125 9.80 37.42 -34.88
C GLU A 125 10.64 38.43 -34.09
N ARG A 126 9.98 39.42 -33.49
CA ARG A 126 10.64 40.46 -32.70
C ARG A 126 9.77 40.69 -31.47
N PRO A 127 9.94 39.86 -30.43
CA PRO A 127 9.06 39.95 -29.27
C PRO A 127 9.25 41.20 -28.44
N GLY A 128 10.40 41.86 -28.52
CA GLY A 128 10.60 43.10 -27.81
C GLY A 128 11.68 42.99 -26.75
N PRO A 129 11.94 44.07 -26.02
CA PRO A 129 13.03 44.04 -25.04
C PRO A 129 12.78 42.96 -24.00
N VAL A 130 13.87 42.34 -23.55
CA VAL A 130 13.77 41.27 -22.57
C VAL A 130 13.44 41.84 -21.18
N PRO A 131 12.33 41.44 -20.57
CA PRO A 131 12.00 41.95 -19.24
C PRO A 131 12.96 41.39 -18.21
N ILE A 132 13.59 42.28 -17.44
CA ILE A 132 14.49 41.92 -16.36
C ILE A 132 14.16 42.82 -15.17
N THR A 133 13.46 42.27 -14.19
CA THR A 133 13.07 43.03 -13.00
C THR A 133 14.24 43.11 -12.02
N VAL A 134 14.69 44.31 -11.71
CA VAL A 134 15.74 44.50 -10.73
C VAL A 134 15.11 45.03 -9.45
N GLU A 135 15.51 44.44 -8.32
CA GLU A 135 14.95 44.78 -7.02
C GLU A 135 16.10 45.14 -6.09
N ASP A 136 16.05 46.33 -5.50
CA ASP A 136 17.16 46.85 -4.73
C ASP A 136 16.86 46.62 -3.26
N LEU A 137 17.72 45.84 -2.59
CA LEU A 137 17.56 45.53 -1.18
C LEU A 137 18.84 45.80 -0.42
N ARG A 138 19.78 46.54 -1.02
CA ARG A 138 21.06 46.81 -0.39
C ARG A 138 20.94 47.67 0.86
N GLN A 139 19.79 48.30 1.08
CA GLN A 139 19.57 49.10 2.28
C GLN A 139 18.76 48.35 3.34
N ASP A 140 17.74 47.60 2.93
CA ASP A 140 16.90 46.81 3.82
C ASP A 140 17.73 45.82 4.64
N PRO A 141 17.70 45.89 5.97
CA PRO A 141 18.33 44.85 6.79
C PRO A 141 17.38 43.67 6.99
N ASP A 142 17.97 42.51 7.24
CA ASP A 142 17.25 41.24 7.11
C ASP A 142 16.66 41.13 5.70
N ALA A 143 17.55 41.35 4.71
CA ALA A 143 17.12 41.36 3.33
C ALA A 143 16.79 39.95 2.83
N VAL A 144 17.44 38.92 3.38
CA VAL A 144 17.17 37.56 2.93
C VAL A 144 15.75 37.14 3.27
N ARG A 145 15.27 37.57 4.45
CA ARG A 145 13.87 37.31 4.80
C ARG A 145 12.92 38.11 3.91
N ARG A 146 13.31 39.32 3.50
CA ARG A 146 12.43 40.09 2.61
C ARG A 146 12.38 39.48 1.20
N LEU A 147 13.47 38.82 0.77
CA LEU A 147 13.47 38.13 -0.53
C LEU A 147 12.93 36.72 -0.46
N GLU A 148 13.01 36.06 0.70
CA GLU A 148 12.40 34.74 0.86
C GLU A 148 10.88 34.80 0.93
N GLU A 149 10.30 35.99 1.18
CA GLU A 149 8.86 36.17 1.31
C GLU A 149 8.22 36.66 0.03
N SER A 150 8.82 36.32 -1.10
CA SER A 150 8.26 36.67 -2.40
C SER A 150 8.25 35.42 -3.30
N ARG A 151 7.51 34.40 -2.87
CA ARG A 151 7.27 33.24 -3.69
C ARG A 151 5.76 33.02 -3.73
N LEU A 159 3.09 33.35 -14.45
CA LEU A 159 3.75 32.88 -15.68
C LEU A 159 2.82 31.96 -16.51
N ASP A 160 2.65 32.30 -17.80
CA ASP A 160 1.61 31.75 -18.69
C ASP A 160 2.17 31.48 -20.08
N PRO A 161 1.82 30.35 -20.70
CA PRO A 161 2.37 30.03 -22.03
C PRO A 161 1.81 30.89 -23.16
N GLY A 162 0.64 31.52 -22.98
CA GLY A 162 0.07 32.36 -24.02
C GLY A 162 0.65 33.75 -24.11
N THR A 163 1.49 34.11 -23.14
CA THR A 163 2.15 35.40 -23.05
C THR A 163 3.66 35.22 -23.16
N TRP A 164 4.31 36.15 -23.88
CA TRP A 164 5.75 36.14 -23.97
C TRP A 164 6.35 37.12 -22.97
N PRO A 165 7.43 36.75 -22.27
CA PRO A 165 8.09 35.44 -22.44
C PRO A 165 7.57 34.39 -21.47
N MET A 166 7.81 33.14 -21.84
CA MET A 166 7.51 32.05 -20.93
C MET A 166 8.62 31.86 -19.91
N PHE A 167 9.36 32.91 -19.59
CA PHE A 167 10.32 32.85 -18.51
C PHE A 167 10.26 34.16 -17.74
N ASP A 168 10.94 34.18 -16.61
CA ASP A 168 10.86 35.29 -15.67
C ASP A 168 12.25 35.59 -15.14
N LEU A 169 12.78 36.77 -15.46
CA LEU A 169 14.14 37.13 -15.11
C LEU A 169 14.10 38.22 -14.05
N ARG A 170 14.79 37.99 -12.93
CA ARG A 170 14.90 38.95 -11.85
C ARG A 170 16.32 38.98 -11.33
N VAL A 171 16.73 40.15 -10.85
CA VAL A 171 18.02 40.34 -10.22
C VAL A 171 17.78 41.09 -8.93
N VAL A 172 18.24 40.54 -7.81
CA VAL A 172 18.08 41.15 -6.49
C VAL A 172 19.46 41.63 -6.04
N LEU A 173 19.58 42.93 -5.79
CA LEU A 173 20.84 43.48 -5.28
C LEU A 173 20.80 43.46 -3.75
N LEU A 174 21.84 42.92 -3.15
CA LEU A 174 22.00 42.88 -1.71
C LEU A 174 23.37 43.42 -1.34
N SER A 175 23.56 43.67 -0.05
CA SER A 175 24.85 44.22 0.39
C SER A 175 25.94 43.18 0.15
N GLY A 176 26.78 43.42 -0.85
CA GLY A 176 27.93 42.57 -1.12
C GLY A 176 27.71 41.40 -2.05
N ARG A 177 26.48 41.15 -2.49
CA ARG A 177 26.20 39.99 -3.33
C ARG A 177 24.94 40.27 -4.13
N VAL A 178 24.74 39.47 -5.17
CA VAL A 178 23.57 39.58 -6.03
CA VAL A 178 23.59 39.57 -6.06
C VAL A 178 22.94 38.20 -6.19
N ARG A 179 21.61 38.16 -6.23
CA ARG A 179 20.86 36.94 -6.49
C ARG A 179 20.28 37.03 -7.89
N VAL A 180 20.66 36.10 -8.76
CA VAL A 180 20.05 35.97 -10.07
C VAL A 180 18.96 34.91 -9.98
N GLN A 181 17.78 35.21 -10.52
CA GLN A 181 16.60 34.37 -10.36
C GLN A 181 15.97 34.11 -11.71
N LEU A 182 15.71 32.84 -12.02
CA LEU A 182 15.18 32.45 -13.32
C LEU A 182 13.97 31.56 -13.10
N GLY A 183 12.79 32.05 -13.47
CA GLY A 183 11.59 31.24 -13.51
C GLY A 183 11.32 30.87 -14.96
N ILE A 184 11.05 29.58 -15.18
CA ILE A 184 10.90 29.08 -16.53
C ILE A 184 9.68 28.15 -16.57
N ASP A 185 8.85 28.32 -17.56
CA ASP A 185 7.68 27.46 -17.71
C ASP A 185 8.10 26.09 -18.22
N LEU A 186 7.56 25.03 -17.61
CA LEU A 186 7.95 23.67 -17.97
C LEU A 186 7.59 23.33 -19.42
N GLN A 187 6.60 24.03 -19.96
CA GLN A 187 6.19 23.85 -21.34
C GLN A 187 7.16 24.47 -22.35
N LEU A 188 8.11 25.29 -21.88
CA LEU A 188 9.03 25.99 -22.79
C LEU A 188 10.03 25.05 -23.46
N MET A 189 10.64 24.14 -22.70
CA MET A 189 11.67 23.24 -23.19
C MET A 189 11.84 22.13 -22.16
N ASP A 190 12.45 21.02 -22.60
CA ASP A 190 12.71 19.91 -21.69
C ASP A 190 13.97 20.17 -20.86
N ALA A 191 14.23 19.26 -19.91
CA ALA A 191 15.37 19.43 -19.01
C ALA A 191 16.70 19.43 -19.76
N SER A 192 16.81 18.63 -20.84
CA SER A 192 18.10 18.55 -21.52
C SER A 192 18.37 19.82 -22.31
N SER A 193 17.33 20.45 -22.86
CA SER A 193 17.53 21.72 -23.53
C SER A 193 17.91 22.79 -22.53
N LEU A 194 17.28 22.75 -21.36
CA LEU A 194 17.63 23.68 -20.28
C LEU A 194 19.12 23.68 -19.99
N PHE A 195 19.71 22.50 -19.72
CA PHE A 195 21.12 22.45 -19.30
C PHE A 195 22.11 22.47 -20.46
N LEU A 196 21.82 21.74 -21.55
CA LEU A 196 22.80 21.62 -22.61
C LEU A 196 22.76 22.80 -23.57
N ASN A 197 21.61 23.46 -23.74
CA ASN A 197 21.49 24.59 -24.66
C ASN A 197 21.37 25.93 -23.94
N LEU A 198 20.35 26.13 -23.10
CA LEU A 198 20.13 27.44 -22.50
C LEU A 198 21.24 27.79 -21.54
N PHE A 199 21.44 26.98 -20.50
CA PHE A 199 22.40 27.32 -19.46
C PHE A 199 23.81 27.44 -20.01
N SER A 200 24.19 26.57 -20.94
CA SER A 200 25.53 26.63 -21.49
C SER A 200 25.72 27.91 -22.30
N ASP A 201 24.74 28.23 -23.16
CA ASP A 201 24.83 29.48 -23.95
C ASP A 201 24.74 30.73 -23.05
N LEU A 202 23.97 30.67 -21.96
CA LEU A 202 23.92 31.81 -21.04
C LEU A 202 25.30 32.08 -20.46
N VAL A 203 26.05 31.04 -20.11
CA VAL A 203 27.40 31.24 -19.60
C VAL A 203 28.31 31.79 -20.70
N THR A 204 28.25 31.20 -21.90
CA THR A 204 29.08 31.68 -23.00
C THR A 204 28.84 33.16 -23.27
N LEU A 205 27.57 33.57 -23.27
CA LEU A 205 27.22 34.92 -23.68
C LEU A 205 27.43 35.94 -22.58
N TYR A 206 27.27 35.56 -21.31
CA TYR A 206 27.60 36.50 -20.26
C TYR A 206 29.11 36.78 -20.23
N ASP A 207 29.93 35.82 -20.65
CA ASP A 207 31.36 36.11 -20.80
C ASP A 207 31.60 37.06 -21.96
N ASP A 208 30.92 36.85 -23.08
CA ASP A 208 31.09 37.68 -24.27
C ASP A 208 29.77 37.65 -25.03
N PRO A 209 28.94 38.69 -24.89
CA PRO A 209 27.65 38.69 -25.61
C PRO A 209 27.77 38.65 -27.12
N ASP A 210 28.97 38.86 -27.67
CA ASP A 210 29.18 38.76 -29.11
C ASP A 210 29.82 37.45 -29.52
N ALA A 211 29.88 36.48 -28.60
CA ALA A 211 30.57 35.23 -28.86
C ALA A 211 29.96 34.52 -30.05
N ALA A 212 30.79 33.76 -30.74
CA ALA A 212 30.30 32.92 -31.83
C ALA A 212 29.47 31.78 -31.25
N LEU A 213 28.27 31.59 -31.80
CA LEU A 213 27.41 30.47 -31.48
C LEU A 213 27.20 29.63 -32.73
N ALA A 214 27.09 28.31 -32.53
CA ALA A 214 26.77 27.43 -33.64
C ALA A 214 25.48 27.88 -34.30
N SER A 215 25.51 28.03 -35.62
CA SER A 215 24.31 28.50 -36.31
C SER A 215 23.22 27.44 -36.27
N GLN A 216 21.97 27.92 -36.17
CA GLN A 216 20.80 27.05 -36.12
C GLN A 216 20.53 26.46 -37.50
N LYS A 217 20.81 25.17 -37.67
CA LYS A 217 20.67 24.54 -38.97
C LYS A 217 19.26 24.07 -39.26
N LEU A 218 18.36 24.12 -38.28
CA LEU A 218 16.94 23.82 -38.49
C LEU A 218 16.18 24.43 -37.33
N ALA A 219 14.86 24.44 -37.47
CA ALA A 219 13.98 24.98 -36.45
C ALA A 219 13.35 23.84 -35.66
N PHE A 220 13.13 24.05 -34.36
CA PHE A 220 12.43 23.01 -33.63
C PHE A 220 11.05 22.74 -34.24
N ARG A 221 10.47 23.75 -34.89
CA ARG A 221 9.20 23.58 -35.59
C ARG A 221 9.29 22.51 -36.68
N ASP A 222 10.43 22.42 -37.36
CA ASP A 222 10.65 21.34 -38.33
C ASP A 222 10.68 19.99 -37.64
N PHE A 223 11.48 19.87 -36.57
CA PHE A 223 11.57 18.62 -35.82
C PHE A 223 10.20 18.19 -35.29
N ALA A 224 9.42 19.12 -34.74
CA ALA A 224 8.11 18.77 -34.19
C ALA A 224 7.17 18.27 -35.28
N ARG A 225 7.21 18.87 -36.47
CA ARG A 225 6.36 18.44 -37.57
C ARG A 225 6.87 17.13 -38.17
N TRP A 226 8.19 16.96 -38.26
CA TRP A 226 8.74 15.69 -38.72
C TRP A 226 8.29 14.53 -37.84
N LEU A 227 8.31 14.70 -36.52
CA LEU A 227 7.87 13.59 -35.67
C LEU A 227 6.39 13.31 -35.87
N GLU A 228 5.56 14.35 -35.97
CA GLU A 228 4.11 14.12 -36.05
C GLU A 228 3.65 13.62 -37.41
N GLU A 229 4.31 14.06 -38.49
CA GLU A 229 3.84 13.77 -39.84
C GLU A 229 4.61 12.68 -40.55
N ASP A 230 5.92 12.58 -40.33
CA ASP A 230 6.74 11.61 -41.06
C ASP A 230 7.11 10.40 -40.22
N VAL A 231 7.47 10.58 -38.95
CA VAL A 231 7.84 9.42 -38.14
C VAL A 231 6.60 8.69 -37.64
N ARG A 232 5.73 9.42 -36.94
CA ARG A 232 4.54 8.83 -36.35
C ARG A 232 3.62 8.29 -37.44
N GLY A 233 3.37 6.98 -37.39
CA GLY A 233 2.56 6.31 -38.37
C GLY A 233 3.36 5.59 -39.43
N GLY A 234 4.63 5.93 -39.58
CA GLY A 234 5.51 5.27 -40.53
C GLY A 234 5.87 3.85 -40.12
N ALA A 235 6.81 3.29 -40.89
CA ALA A 235 7.13 1.87 -40.75
C ALA A 235 7.58 1.54 -39.33
N ARG A 236 8.62 2.25 -38.83
CA ARG A 236 9.17 1.93 -37.51
C ARG A 236 8.15 2.21 -36.40
N TRP A 237 7.43 3.31 -36.48
CA TRP A 237 6.42 3.60 -35.46
C TRP A 237 5.41 2.48 -35.35
N ARG A 238 4.97 1.92 -36.49
CA ARG A 238 3.96 0.85 -36.43
C ARG A 238 4.51 -0.39 -35.75
N ALA A 239 5.78 -0.73 -36.02
CA ALA A 239 6.42 -1.84 -35.35
C ALA A 239 6.54 -1.58 -33.85
N ASP A 240 7.01 -0.37 -33.49
CA ASP A 240 7.13 0.00 -32.08
C ASP A 240 5.75 0.05 -31.41
N TRP A 241 4.73 0.51 -32.14
CA TRP A 241 3.39 0.54 -31.58
C TRP A 241 2.88 -0.87 -31.28
N ALA A 242 3.22 -1.83 -32.14
CA ALA A 242 2.81 -3.19 -31.88
C ALA A 242 3.53 -3.76 -30.65
N TYR A 243 4.79 -3.36 -30.47
CA TYR A 243 5.53 -3.78 -29.28
C TYR A 243 4.82 -3.34 -28.01
N TRP A 244 4.48 -2.05 -27.93
CA TRP A 244 3.79 -1.52 -26.76
C TRP A 244 2.39 -2.10 -26.60
N GLN A 245 1.64 -2.24 -27.71
CA GLN A 245 0.26 -2.72 -27.60
C GLN A 245 0.20 -4.19 -27.19
N GLU A 246 1.18 -5.00 -27.60
CA GLU A 246 1.28 -6.36 -27.11
C GLU A 246 1.45 -6.41 -25.59
N ARG A 247 2.17 -5.42 -25.02
CA ARG A 247 2.55 -5.39 -23.61
C ARG A 247 1.57 -4.62 -22.73
N LEU A 248 0.68 -3.80 -23.32
CA LEU A 248 -0.04 -2.78 -22.56
C LEU A 248 -0.88 -3.38 -21.42
N ASP A 249 -1.78 -4.30 -21.76
CA ASP A 249 -2.67 -4.82 -20.71
C ASP A 249 -1.91 -5.57 -19.62
N GLY A 250 -0.64 -5.92 -19.86
CA GLY A 250 0.20 -6.52 -18.85
C GLY A 250 0.95 -5.55 -17.95
N LEU A 251 0.97 -4.25 -18.27
CA LEU A 251 1.72 -3.29 -17.47
C LEU A 251 1.10 -3.15 -16.08
N PRO A 252 1.87 -3.28 -15.01
CA PRO A 252 1.32 -3.09 -13.66
C PRO A 252 1.01 -1.62 -13.41
N PRO A 253 0.18 -1.30 -12.42
CA PRO A 253 -0.02 0.11 -12.05
C PRO A 253 1.26 0.77 -11.55
N ALA A 254 1.21 2.11 -11.47
CA ALA A 254 2.16 2.96 -10.80
C ALA A 254 2.43 2.47 -9.38
N PRO A 255 3.59 2.80 -8.79
CA PRO A 255 3.88 2.36 -7.43
C PRO A 255 2.79 2.82 -6.47
N ASP A 256 2.21 1.85 -5.76
CA ASP A 256 1.15 2.14 -4.82
C ASP A 256 1.80 2.33 -3.44
N LEU A 257 2.19 3.61 -3.14
CA LEU A 257 2.94 3.93 -1.94
C LEU A 257 2.01 4.51 -0.86
N PRO A 258 2.35 4.37 0.42
CA PRO A 258 1.39 4.73 1.48
C PRO A 258 1.04 6.22 1.46
N ALA A 259 -0.25 6.51 1.54
CA ALA A 259 -0.71 7.87 1.39
C ALA A 259 -1.05 8.49 2.74
N ALA A 260 -1.01 9.83 2.76
CA ALA A 260 -1.15 10.62 3.99
C ALA A 260 -2.61 10.72 4.43
N ARG A 261 -2.86 11.62 5.40
CA ARG A 261 -4.18 11.97 5.92
C ARG A 261 -5.30 11.98 4.89
N LYS A 269 4.76 23.40 -2.53
CA LYS A 269 4.06 22.13 -2.47
C LYS A 269 5.03 20.98 -2.78
N PHE A 270 6.24 21.29 -3.23
CA PHE A 270 7.25 20.28 -3.55
C PHE A 270 8.42 20.40 -2.59
N GLU A 271 8.83 19.28 -2.00
CA GLU A 271 10.01 19.17 -1.15
C GLU A 271 11.14 18.44 -1.87
N ARG A 272 12.30 18.38 -1.22
CA ARG A 272 13.56 17.93 -1.85
C ARG A 272 14.37 17.10 -0.86
N CYS A 273 14.63 15.85 -1.22
CA CYS A 273 15.72 15.08 -0.65
C CYS A 273 16.84 15.05 -1.70
N MET A 274 18.08 15.25 -1.27
CA MET A 274 19.14 15.28 -2.27
C MET A 274 20.49 14.96 -1.67
N VAL A 275 21.40 14.58 -2.57
CA VAL A 275 22.74 14.15 -2.19
C VAL A 275 23.61 14.36 -3.42
N ARG A 276 24.91 14.51 -3.18
CA ARG A 276 25.86 14.82 -4.23
C ARG A 276 27.02 13.82 -4.10
N CYS A 277 27.25 13.01 -5.14
CA CYS A 277 28.35 12.06 -5.09
C CYS A 277 29.61 12.70 -5.65
N PRO A 278 30.70 12.75 -4.87
CA PRO A 278 31.95 13.29 -5.39
C PRO A 278 32.50 12.44 -6.50
N ALA A 279 33.48 13.00 -7.21
CA ALA A 279 33.96 12.44 -8.47
C ALA A 279 34.47 11.01 -8.29
N GLU A 280 35.12 10.72 -7.16
CA GLU A 280 35.74 9.41 -6.97
C GLU A 280 34.69 8.34 -6.66
N GLU A 281 33.57 8.71 -6.06
CA GLU A 281 32.47 7.73 -5.87
C GLU A 281 31.61 7.63 -7.12
N PHE A 282 31.50 8.73 -7.87
CA PHE A 282 30.89 8.67 -9.19
C PHE A 282 31.66 7.69 -10.07
N ALA A 283 33.00 7.72 -10.04
CA ALA A 283 33.80 6.80 -10.84
C ALA A 283 33.65 5.36 -10.34
N LEU A 284 33.66 5.17 -9.02
CA LEU A 284 33.40 3.84 -8.47
C LEU A 284 31.99 3.33 -8.85
N LEU A 285 30.97 4.19 -8.77
CA LEU A 285 29.62 3.79 -9.16
C LEU A 285 29.58 3.36 -10.63
N ARG A 286 30.29 4.07 -11.50
CA ARG A 286 30.40 3.68 -12.90
C ARG A 286 31.03 2.30 -13.04
N GLU A 287 32.09 2.02 -12.27
CA GLU A 287 32.69 0.69 -12.33
C GLU A 287 31.73 -0.39 -11.84
N ARG A 288 31.00 -0.10 -10.75
CA ARG A 288 30.05 -1.10 -10.26
C ARG A 288 29.00 -1.41 -11.32
N ALA A 289 28.54 -0.39 -12.05
CA ALA A 289 27.53 -0.61 -13.08
C ALA A 289 28.12 -1.35 -14.28
N LEU A 290 29.28 -0.90 -14.78
CA LEU A 290 29.90 -1.60 -15.90
C LEU A 290 30.17 -3.07 -15.53
N ALA A 291 30.55 -3.33 -14.27
CA ALA A 291 30.81 -4.71 -13.84
C ALA A 291 29.60 -5.62 -14.09
N HIS A 292 28.38 -5.08 -14.10
CA HIS A 292 27.18 -5.85 -14.41
C HIS A 292 26.68 -5.60 -15.83
N GLY A 293 27.49 -4.94 -16.67
CA GLY A 293 27.04 -4.62 -18.01
C GLY A 293 26.00 -3.52 -18.08
N LEU A 294 25.93 -2.65 -17.06
CA LEU A 294 24.90 -1.62 -16.93
C LEU A 294 25.48 -0.22 -17.10
N THR A 295 24.65 0.70 -17.61
CA THR A 295 24.90 2.13 -17.46
C THR A 295 24.61 2.56 -16.02
N GLU A 296 25.09 3.76 -15.66
CA GLU A 296 24.83 4.26 -14.31
C GLU A 296 23.35 4.50 -14.09
N THR A 297 22.65 4.96 -15.13
CA THR A 297 21.21 5.16 -15.03
C THR A 297 20.50 3.86 -14.73
N GLU A 298 20.84 2.79 -15.47
CA GLU A 298 20.22 1.49 -15.25
C GLU A 298 20.47 0.98 -13.84
N LEU A 299 21.71 1.11 -13.35
CA LEU A 299 22.00 0.75 -11.97
C LEU A 299 21.11 1.53 -11.01
N LEU A 300 21.02 2.85 -11.20
CA LEU A 300 20.28 3.69 -10.27
C LEU A 300 18.76 3.46 -10.38
N VAL A 301 18.24 3.24 -11.60
CA VAL A 301 16.83 2.89 -11.76
C VAL A 301 16.53 1.58 -11.02
N GLY A 302 17.38 0.56 -11.20
CA GLY A 302 17.18 -0.71 -10.51
C GLY A 302 17.27 -0.60 -9.00
N ALA A 303 18.21 0.22 -8.51
CA ALA A 303 18.30 0.41 -7.06
C ALA A 303 17.05 1.09 -6.54
N PHE A 304 16.52 2.03 -7.31
CA PHE A 304 15.33 2.76 -6.96
C PHE A 304 14.11 1.83 -6.89
N ALA A 305 14.02 0.88 -7.84
CA ALA A 305 12.92 -0.07 -7.80
C ALA A 305 13.03 -1.01 -6.60
N GLU A 306 14.25 -1.41 -6.21
CA GLU A 306 14.45 -2.16 -4.96
C GLU A 306 13.87 -1.42 -3.76
N VAL A 307 14.20 -0.14 -3.62
CA VAL A 307 13.77 0.65 -2.48
C VAL A 307 12.26 0.86 -2.50
N LEU A 308 11.71 1.27 -3.65
CA LEU A 308 10.26 1.45 -3.74
C LEU A 308 9.49 0.18 -3.34
N ARG A 309 10.03 -0.99 -3.68
CA ARG A 309 9.41 -2.26 -3.28
CA ARG A 309 9.37 -2.23 -3.28
C ARG A 309 9.36 -2.42 -1.76
N GLY A 310 10.15 -1.65 -1.01
CA GLY A 310 10.06 -1.72 0.45
C GLY A 310 8.78 -1.16 1.00
N TRP A 311 8.13 -0.23 0.29
CA TRP A 311 6.92 0.46 0.76
C TRP A 311 5.67 0.18 -0.07
N SER A 312 5.82 -0.33 -1.29
CA SER A 312 4.70 -0.37 -2.22
C SER A 312 3.79 -1.54 -1.91
N SER A 313 2.50 -1.35 -2.16
CA SER A 313 1.54 -2.40 -1.80
C SER A 313 1.73 -3.64 -2.64
N ASP A 314 2.18 -3.47 -3.87
CA ASP A 314 2.45 -4.61 -4.73
C ASP A 314 3.88 -4.52 -5.25
N PRO A 315 4.58 -5.65 -5.37
CA PRO A 315 5.99 -5.59 -5.79
C PRO A 315 6.16 -5.19 -7.23
N ALA A 316 5.12 -5.32 -8.04
CA ALA A 316 5.19 -4.96 -9.45
C ALA A 316 4.62 -3.56 -9.66
N PHE A 317 5.40 -2.70 -10.31
CA PHE A 317 4.91 -1.37 -10.65
C PHE A 317 5.57 -0.89 -11.93
N THR A 318 4.97 0.15 -12.51
CA THR A 318 5.47 0.79 -13.71
C THR A 318 6.05 2.15 -13.35
N LEU A 319 7.28 2.41 -13.79
CA LEU A 319 7.91 3.70 -13.59
C LEU A 319 7.92 4.48 -14.90
N ASN A 320 7.90 5.79 -14.76
CA ASN A 320 7.97 6.70 -15.89
C ASN A 320 9.43 7.13 -16.02
N VAL A 321 10.12 6.66 -17.06
CA VAL A 321 11.55 6.91 -17.22
C VAL A 321 11.82 7.66 -18.52
N PRO A 322 11.75 9.00 -18.53
CA PRO A 322 11.86 9.72 -19.81
C PRO A 322 13.25 9.63 -20.43
N VAL A 323 13.29 9.55 -21.75
CA VAL A 323 14.52 9.73 -22.50
C VAL A 323 14.37 10.99 -23.31
N PHE A 324 15.49 11.57 -23.73
CA PHE A 324 15.50 12.85 -24.43
C PHE A 324 16.15 12.62 -25.80
N GLN A 325 15.44 11.88 -26.65
CA GLN A 325 15.96 11.47 -27.95
CA GLN A 325 15.94 11.46 -27.96
C GLN A 325 15.82 12.59 -28.97
N ARG A 326 16.93 12.93 -29.61
CA ARG A 326 16.90 13.91 -30.67
C ARG A 326 17.08 13.27 -32.05
N PHE A 327 17.26 11.94 -32.09
CA PHE A 327 17.23 11.11 -33.29
C PHE A 327 18.37 11.37 -34.26
N ASP A 328 19.46 11.99 -33.79
CA ASP A 328 20.65 12.25 -34.58
C ASP A 328 20.39 13.11 -35.81
N VAL A 329 19.24 13.78 -35.86
CA VAL A 329 18.97 14.80 -36.85
C VAL A 329 20.13 15.78 -36.87
N PRO A 330 20.77 16.03 -38.02
CA PRO A 330 21.94 16.92 -38.01
C PRO A 330 21.56 18.33 -37.57
N GLY A 331 22.35 18.87 -36.65
CA GLY A 331 22.09 20.18 -36.09
C GLY A 331 21.19 20.20 -34.88
N ILE A 332 20.45 19.12 -34.59
CA ILE A 332 19.43 19.18 -33.55
C ILE A 332 20.03 19.31 -32.16
N GLU A 333 21.32 19.01 -31.99
CA GLU A 333 21.95 19.13 -30.69
C GLU A 333 22.08 20.58 -30.20
N ASP A 334 21.79 21.56 -31.05
CA ASP A 334 21.89 22.97 -30.71
C ASP A 334 20.52 23.66 -30.66
N VAL A 335 19.44 22.90 -30.76
CA VAL A 335 18.11 23.47 -30.91
C VAL A 335 17.36 23.27 -29.60
N ILE A 336 16.97 24.38 -28.98
CA ILE A 336 16.13 24.33 -27.81
C ILE A 336 14.75 23.82 -28.22
N GLY A 337 14.27 22.81 -27.51
CA GLY A 337 12.92 22.33 -27.76
C GLY A 337 12.49 21.41 -26.64
N ASP A 338 11.48 20.60 -26.93
CA ASP A 338 11.00 19.58 -26.01
C ASP A 338 11.17 18.22 -26.67
N TYR A 339 12.14 17.45 -26.18
CA TYR A 339 12.47 16.13 -26.72
C TYR A 339 12.00 14.99 -25.83
N THR A 340 11.20 15.29 -24.80
CA THR A 340 10.82 14.30 -23.79
C THR A 340 10.01 13.16 -24.40
N ASN A 341 10.45 11.94 -24.15
CA ASN A 341 9.65 10.75 -24.44
C ASN A 341 9.56 9.90 -23.17
N PRO A 342 8.47 10.00 -22.41
CA PRO A 342 8.38 9.19 -21.19
C PRO A 342 8.21 7.71 -21.51
N ILE A 343 9.20 6.88 -21.20
CA ILE A 343 9.12 5.44 -21.39
C ILE A 343 8.48 4.82 -20.15
N LEU A 344 7.50 3.93 -20.35
CA LEU A 344 6.79 3.29 -19.24
C LEU A 344 7.46 1.98 -18.90
N LEU A 345 8.30 2.00 -17.86
CA LEU A 345 9.13 0.84 -17.51
C LEU A 345 8.36 -0.07 -16.57
N GLU A 346 8.11 -1.30 -17.00
CA GLU A 346 7.47 -2.32 -16.16
C GLU A 346 8.51 -2.94 -15.24
N ALA A 347 8.32 -2.78 -13.93
CA ALA A 347 9.32 -3.19 -12.93
C ALA A 347 8.74 -4.33 -12.12
N ARG A 348 8.73 -5.52 -12.72
CA ARG A 348 8.45 -6.73 -11.96
C ARG A 348 9.76 -7.31 -11.44
N PRO A 349 9.81 -7.76 -10.20
CA PRO A 349 11.06 -8.37 -9.68
C PRO A 349 11.31 -9.71 -10.37
N GLU A 350 12.43 -9.79 -11.09
CA GLU A 350 12.86 -11.01 -11.80
C GLU A 350 14.30 -11.30 -11.34
N GLY A 351 14.45 -12.11 -10.32
CA GLY A 351 15.77 -12.46 -9.86
C GLY A 351 15.77 -12.84 -8.39
N ARG A 352 16.71 -13.70 -8.02
CA ARG A 352 16.86 -14.12 -6.63
C ARG A 352 17.61 -13.08 -5.81
N THR A 353 18.63 -12.46 -6.40
CA THR A 353 19.47 -11.47 -5.72
C THR A 353 19.24 -10.07 -6.28
N VAL A 354 19.77 -9.08 -5.54
CA VAL A 354 19.72 -7.69 -5.93
C VAL A 354 20.30 -7.49 -7.33
N ALA A 355 21.49 -8.04 -7.55
CA ALA A 355 22.15 -7.90 -8.85
C ALA A 355 21.29 -8.48 -9.97
N GLU A 356 20.80 -9.72 -9.79
CA GLU A 356 20.02 -10.34 -10.87
C GLU A 356 18.80 -9.51 -11.21
N ARG A 357 18.10 -8.99 -10.20
CA ARG A 357 16.90 -8.19 -10.46
C ARG A 357 17.23 -6.90 -11.18
N ILE A 358 18.32 -6.23 -10.77
CA ILE A 358 18.70 -4.98 -11.43
C ILE A 358 19.09 -5.24 -12.89
N VAL A 359 19.84 -6.33 -13.13
CA VAL A 359 20.22 -6.70 -14.50
C VAL A 359 18.98 -7.03 -15.33
N ALA A 360 18.02 -7.77 -14.76
CA ALA A 360 16.81 -8.10 -15.53
C ALA A 360 16.01 -6.84 -15.84
N LEU A 361 15.86 -5.93 -14.87
CA LEU A 361 15.13 -4.69 -15.12
C LEU A 361 15.82 -3.85 -16.18
N ALA A 362 17.16 -3.84 -16.19
CA ALA A 362 17.87 -3.03 -17.17
C ALA A 362 17.66 -3.59 -18.57
N ALA A 363 17.61 -4.91 -18.70
CA ALA A 363 17.37 -5.51 -20.01
C ALA A 363 15.99 -5.14 -20.54
N ARG A 364 14.98 -5.06 -19.65
CA ARG A 364 13.66 -4.59 -20.09
C ARG A 364 13.71 -3.12 -20.49
N LEU A 365 14.41 -2.29 -19.71
CA LEU A 365 14.53 -0.88 -20.08
C LEU A 365 15.18 -0.72 -21.44
N ARG A 366 16.22 -1.52 -21.74
CA ARG A 366 16.88 -1.42 -23.04
C ARG A 366 15.96 -1.86 -24.17
N ALA A 367 15.17 -2.91 -23.95
CA ALA A 367 14.22 -3.34 -24.97
C ALA A 367 13.17 -2.27 -25.20
N ASP A 368 12.58 -1.74 -24.13
CA ASP A 368 11.63 -0.63 -24.25
C ASP A 368 12.23 0.53 -25.04
N THR A 369 13.47 0.90 -24.71
CA THR A 369 14.11 2.04 -25.36
C THR A 369 14.32 1.80 -26.86
N ARG A 370 14.55 0.55 -27.26
CA ARG A 370 14.67 0.21 -28.67
C ARG A 370 13.38 0.45 -29.44
N HIS A 371 12.26 0.69 -28.76
CA HIS A 371 10.97 0.89 -29.40
C HIS A 371 10.39 2.26 -29.04
N ALA A 372 11.27 3.25 -28.84
CA ALA A 372 10.84 4.55 -28.37
C ALA A 372 10.51 5.52 -29.50
N SER A 373 10.22 5.03 -30.71
CA SER A 373 9.66 5.95 -31.67
C SER A 373 8.21 6.26 -31.34
N VAL A 374 7.53 5.39 -30.61
CA VAL A 374 6.26 5.73 -29.98
C VAL A 374 6.53 6.58 -28.74
N ASN A 375 5.81 7.69 -28.60
CA ASN A 375 5.97 8.55 -27.44
C ASN A 375 5.11 8.02 -26.29
N GLY A 376 5.71 7.96 -25.10
CA GLY A 376 4.99 7.39 -23.97
C GLY A 376 3.66 8.06 -23.67
N VAL A 377 3.52 9.34 -24.01
CA VAL A 377 2.24 10.00 -23.82
C VAL A 377 1.14 9.25 -24.56
N GLU A 378 1.47 8.67 -25.73
CA GLU A 378 0.48 7.91 -26.49
C GLU A 378 0.17 6.58 -25.81
N VAL A 379 1.20 5.89 -25.32
CA VAL A 379 0.96 4.67 -24.56
C VAL A 379 0.10 4.97 -23.34
N LEU A 380 0.35 6.11 -22.68
CA LEU A 380 -0.47 6.49 -21.53
C LEU A 380 -1.91 6.76 -21.92
N ARG A 381 -2.12 7.35 -23.10
CA ARG A 381 -3.49 7.58 -23.56
C ARG A 381 -4.23 6.26 -23.76
N GLU A 382 -3.60 5.28 -24.41
CA GLU A 382 -4.25 3.98 -24.57
C GLU A 382 -4.49 3.33 -23.22
N LEU A 383 -3.51 3.41 -22.32
CA LEU A 383 -3.69 2.82 -21.00
C LEU A 383 -4.91 3.43 -20.31
N ALA A 384 -5.11 4.75 -20.44
CA ALA A 384 -6.26 5.40 -19.83
C ALA A 384 -7.58 4.98 -20.49
N ARG A 385 -7.60 4.82 -21.82
CA ARG A 385 -8.81 4.31 -22.47
C ARG A 385 -9.23 2.99 -21.86
N ARG A 386 -8.26 2.12 -21.59
CA ARG A 386 -8.53 0.78 -21.07
C ARG A 386 -8.92 0.79 -19.58
N ARG A 387 -8.27 1.64 -18.77
CA ARG A 387 -8.37 1.53 -17.31
C ARG A 387 -8.93 2.77 -16.62
N GLY A 388 -9.24 3.84 -17.36
CA GLY A 388 -9.56 5.12 -16.76
C GLY A 388 -8.32 5.93 -16.43
N LEU A 389 -8.52 7.23 -16.28
CA LEU A 389 -7.41 8.17 -16.10
C LEU A 389 -6.66 7.94 -14.79
N ALA A 390 -7.37 7.68 -13.69
CA ALA A 390 -6.71 7.49 -12.40
C ALA A 390 -5.74 6.32 -12.45
N ALA A 391 -6.23 5.14 -12.83
CA ALA A 391 -5.39 3.95 -12.82
C ALA A 391 -4.28 3.99 -13.88
N ALA A 392 -4.34 4.92 -14.83
CA ALA A 392 -3.31 5.04 -15.84
C ALA A 392 -2.23 6.05 -15.49
N ALA A 393 -2.46 6.91 -14.50
CA ALA A 393 -1.46 7.90 -14.11
C ALA A 393 -0.16 7.23 -13.68
N MET A 394 0.96 7.83 -14.06
CA MET A 394 2.29 7.34 -13.73
C MET A 394 3.03 8.49 -13.04
N PRO A 395 2.72 8.74 -11.77
CA PRO A 395 3.30 9.91 -11.08
C PRO A 395 4.65 9.69 -10.42
N VAL A 396 5.29 8.52 -10.59
CA VAL A 396 6.64 8.25 -10.07
C VAL A 396 7.57 8.21 -11.26
N VAL A 397 8.48 9.18 -11.32
CA VAL A 397 9.32 9.35 -12.49
CA VAL A 397 9.32 9.46 -12.47
C VAL A 397 10.79 9.33 -12.08
N VAL A 398 11.61 8.78 -12.98
CA VAL A 398 13.07 8.81 -12.86
C VAL A 398 13.60 9.56 -14.08
N THR A 399 14.16 10.76 -13.87
CA THR A 399 14.59 11.65 -14.95
C THR A 399 16.11 11.67 -14.97
N SER A 400 16.73 10.96 -15.90
CA SER A 400 18.18 10.91 -15.90
C SER A 400 18.71 11.78 -17.03
N LEU A 401 19.66 12.66 -16.69
CA LEU A 401 20.39 13.45 -17.67
C LEU A 401 21.80 12.90 -17.92
N LEU A 402 22.08 11.67 -17.50
CA LEU A 402 23.31 10.99 -17.88
C LEU A 402 23.21 10.52 -19.33
N GLY A 403 24.37 10.21 -19.91
CA GLY A 403 24.39 9.70 -21.27
C GLY A 403 24.06 10.71 -22.36
N LEU A 404 23.99 11.99 -22.06
CA LEU A 404 23.77 13.02 -23.06
C LEU A 404 25.10 13.62 -23.48
N PRO A 405 25.16 14.30 -24.62
CA PRO A 405 26.39 15.00 -24.99
C PRO A 405 26.83 15.95 -23.89
N SER A 406 28.13 16.22 -23.86
CA SER A 406 28.68 17.19 -22.92
C SER A 406 28.35 18.61 -23.38
N ALA A 407 28.03 19.47 -22.42
CA ALA A 407 27.78 20.87 -22.73
C ALA A 407 29.08 21.65 -22.61
N ALA A 408 29.19 22.70 -23.43
CA ALA A 408 30.40 23.51 -23.44
C ALA A 408 30.65 24.19 -22.08
N ARG A 409 29.61 24.75 -21.48
CA ARG A 409 29.75 25.44 -20.20
C ARG A 409 28.65 24.97 -19.26
N SER A 410 28.89 25.09 -17.97
CA SER A 410 27.92 24.69 -16.98
C SER A 410 27.52 25.88 -16.15
N ILE A 411 26.26 25.88 -15.69
CA ILE A 411 25.73 27.01 -14.93
C ILE A 411 26.50 27.20 -13.62
N THR A 412 27.16 26.15 -13.11
CA THR A 412 27.97 26.33 -11.90
C THR A 412 29.10 27.34 -12.08
N GLU A 413 29.57 27.58 -13.31
CA GLU A 413 30.56 28.63 -13.53
C GLU A 413 29.99 30.03 -13.47
N PHE A 414 28.66 30.19 -13.36
CA PHE A 414 28.02 31.50 -13.38
C PHE A 414 27.63 31.99 -11.99
N GLY A 415 27.25 31.07 -11.12
CA GLY A 415 26.96 31.42 -9.74
C GLY A 415 26.77 30.14 -8.96
N THR A 416 26.85 30.27 -7.65
CA THR A 416 26.64 29.09 -6.82
C THR A 416 25.13 28.94 -6.61
N GLU A 417 24.59 27.79 -7.00
CA GLU A 417 23.15 27.60 -6.85
C GLU A 417 22.75 27.76 -5.39
N VAL A 418 21.67 28.47 -5.18
CA VAL A 418 21.23 28.86 -3.85
C VAL A 418 19.84 28.33 -3.55
N HIS A 419 19.06 27.99 -4.56
CA HIS A 419 17.69 27.58 -4.41
C HIS A 419 17.26 27.11 -5.79
N SER A 420 16.55 26.00 -5.84
CA SER A 420 15.95 25.56 -7.09
C SER A 420 14.89 24.53 -6.78
N ILE A 421 13.82 24.54 -7.56
CA ILE A 421 12.67 23.68 -7.31
C ILE A 421 11.89 23.54 -8.60
N THR A 422 11.58 22.31 -8.98
CA THR A 422 10.67 22.02 -10.09
C THR A 422 9.32 21.61 -9.51
N GLN A 423 8.27 22.31 -9.90
CA GLN A 423 6.90 21.95 -9.56
C GLN A 423 6.23 21.43 -10.81
N THR A 424 6.15 20.13 -10.93
CA THR A 424 5.59 19.49 -12.10
C THR A 424 4.17 19.01 -11.83
N PRO A 425 3.19 19.34 -12.65
CA PRO A 425 1.86 18.75 -12.47
C PRO A 425 1.92 17.26 -12.73
N GLN A 426 1.05 16.52 -12.04
CA GLN A 426 0.86 15.10 -12.30
C GLN A 426 2.02 14.24 -11.82
N VAL A 427 2.91 14.78 -11.01
CA VAL A 427 4.09 14.05 -10.56
C VAL A 427 4.11 14.10 -9.03
N SER A 428 4.25 12.94 -8.40
CA SER A 428 4.36 12.95 -6.94
C SER A 428 5.78 12.74 -6.45
N LEU A 429 6.60 11.98 -7.17
CA LEU A 429 7.97 11.68 -6.80
C LEU A 429 8.81 11.64 -8.07
N ASP A 430 9.82 12.49 -8.14
CA ASP A 430 10.66 12.64 -9.33
C ASP A 430 12.10 12.45 -8.89
N PHE A 431 12.68 11.30 -9.23
CA PHE A 431 14.08 11.00 -8.95
C PHE A 431 14.91 11.52 -10.12
N GLN A 432 15.66 12.60 -9.89
CA GLN A 432 16.47 13.24 -10.91
C GLN A 432 17.94 12.88 -10.75
N ILE A 433 18.57 12.46 -11.85
CA ILE A 433 19.97 12.05 -11.90
C ILE A 433 20.67 13.00 -12.87
N ARG A 434 21.59 13.83 -12.35
N ARG A 434 21.55 13.84 -12.36
CA ARG A 434 22.18 14.88 -13.18
CA ARG A 434 22.22 14.69 -13.30
C ARG A 434 23.68 15.03 -12.87
C ARG A 434 23.66 14.96 -12.90
N PRO A 435 24.56 14.97 -13.88
CA PRO A 435 25.98 15.28 -13.64
C PRO A 435 26.14 16.79 -13.46
N GLU A 436 26.92 17.18 -12.46
CA GLU A 436 27.13 18.58 -12.14
C GLU A 436 28.60 18.74 -11.73
N ASP A 437 29.43 19.23 -12.65
CA ASP A 437 30.80 19.66 -12.35
C ASP A 437 31.60 18.51 -11.72
N GLY A 438 31.70 17.41 -12.47
CA GLY A 438 32.41 16.22 -12.02
C GLY A 438 31.70 15.36 -11.00
N GLU A 439 30.60 15.84 -10.40
CA GLU A 439 29.86 15.10 -9.39
C GLU A 439 28.53 14.59 -9.95
N LEU A 440 27.95 13.62 -9.26
CA LEU A 440 26.64 13.06 -9.60
C LEU A 440 25.63 13.59 -8.60
N ARG A 441 24.66 14.34 -9.09
CA ARG A 441 23.64 14.92 -8.24
C ARG A 441 22.40 14.02 -8.26
N LEU A 442 22.00 13.54 -7.08
CA LEU A 442 20.85 12.67 -6.93
C LEU A 442 19.79 13.41 -6.14
N VAL A 443 18.66 13.71 -6.77
CA VAL A 443 17.62 14.54 -6.18
C VAL A 443 16.29 13.78 -6.22
N TRP A 444 15.59 13.73 -5.08
CA TRP A 444 14.20 13.30 -5.02
C TRP A 444 13.32 14.51 -4.75
N ASP A 445 12.63 14.99 -5.78
CA ASP A 445 11.58 15.98 -5.64
C ASP A 445 10.26 15.27 -5.38
N HIS A 446 9.61 15.57 -4.27
CA HIS A 446 8.32 14.93 -3.98
C HIS A 446 7.29 15.96 -3.55
N ARG A 447 6.03 15.67 -3.85
CA ARG A 447 4.93 16.57 -3.56
C ARG A 447 4.47 16.34 -2.13
N SER A 448 4.48 17.41 -1.32
CA SER A 448 4.03 17.29 0.06
C SER A 448 2.60 16.79 0.13
N GLY A 449 2.34 15.87 1.06
CA GLY A 449 1.01 15.34 1.21
C GLY A 449 0.66 14.21 0.27
N ALA A 450 1.54 13.87 -0.68
CA ALA A 450 1.27 12.69 -1.50
C ALA A 450 1.51 11.41 -0.72
N PHE A 451 2.38 11.45 0.29
CA PHE A 451 2.81 10.24 0.98
C PHE A 451 2.67 10.44 2.48
N ALA A 452 2.45 9.33 3.18
CA ALA A 452 2.38 9.32 4.65
C ALA A 452 3.65 9.94 5.22
N PRO A 453 3.56 10.60 6.36
CA PRO A 453 4.73 11.28 6.93
C PRO A 453 5.87 10.30 7.20
N GLY A 454 7.08 10.68 6.76
CA GLY A 454 8.24 9.85 6.92
C GLY A 454 8.53 8.88 5.78
N VAL A 455 7.55 8.58 4.91
CA VAL A 455 7.77 7.55 3.90
C VAL A 455 8.88 7.95 2.94
N VAL A 456 8.84 9.17 2.42
CA VAL A 456 9.86 9.55 1.44
C VAL A 456 11.22 9.67 2.09
N GLU A 457 11.28 10.20 3.33
CA GLU A 457 12.58 10.31 3.98
C GLU A 457 13.12 8.93 4.34
N GLY A 458 12.25 8.01 4.74
CA GLY A 458 12.68 6.65 4.98
C GLY A 458 13.18 5.98 3.71
N ALA A 459 12.46 6.15 2.59
CA ALA A 459 12.89 5.52 1.35
C ALA A 459 14.23 6.09 0.90
N PHE A 460 14.43 7.40 1.09
CA PHE A 460 15.68 8.02 0.67
C PHE A 460 16.85 7.49 1.48
N GLU A 461 16.68 7.40 2.80
CA GLU A 461 17.71 6.82 3.66
C GLU A 461 18.00 5.36 3.29
N ALA A 462 16.98 4.63 2.87
CA ALA A 462 17.24 3.25 2.45
C ALA A 462 17.95 3.22 1.09
N PHE A 463 17.67 4.21 0.25
CA PHE A 463 18.30 4.28 -1.06
C PHE A 463 19.78 4.61 -0.92
N LEU A 464 20.11 5.63 -0.12
CA LEU A 464 21.51 5.96 0.17
C LEU A 464 22.23 4.78 0.82
N ASP A 465 21.54 4.04 1.69
CA ASP A 465 22.16 2.87 2.29
C ASP A 465 22.45 1.82 1.24
N LEU A 466 21.52 1.60 0.31
CA LEU A 466 21.69 0.57 -0.71
C LEU A 466 22.77 0.95 -1.70
N VAL A 467 22.78 2.21 -2.16
CA VAL A 467 23.82 2.64 -3.09
C VAL A 467 25.18 2.63 -2.41
N GLY A 468 25.24 3.04 -1.12
CA GLY A 468 26.48 2.97 -0.38
C GLY A 468 27.04 1.57 -0.27
N ARG A 469 26.17 0.58 0.02
CA ARG A 469 26.63 -0.81 0.04
C ARG A 469 27.15 -1.23 -1.34
N MET A 470 26.51 -0.75 -2.41
CA MET A 470 26.98 -1.05 -3.75
C MET A 470 28.38 -0.51 -3.98
N LEU A 471 28.68 0.66 -3.43
CA LEU A 471 30.04 1.20 -3.52
C LEU A 471 30.98 0.50 -2.57
N ALA A 472 30.47 -0.07 -1.47
CA ALA A 472 31.34 -0.74 -0.50
C ALA A 472 31.68 -2.16 -0.93
N ASP A 473 30.80 -2.84 -1.66
CA ASP A 473 30.95 -4.27 -1.92
C ASP A 473 31.43 -4.54 -3.34
N GLU A 474 32.41 -5.45 -3.47
CA GLU A 474 32.85 -5.91 -4.79
C GLU A 474 31.72 -6.66 -5.48
N PRO A 475 31.51 -6.44 -6.77
CA PRO A 475 30.54 -7.23 -7.52
C PRO A 475 30.72 -8.72 -7.28
N GLY A 476 29.61 -9.43 -7.15
CA GLY A 476 29.65 -10.83 -6.82
C GLY A 476 29.71 -11.13 -5.35
N HIS A 477 29.64 -10.11 -4.49
CA HIS A 477 29.75 -10.29 -3.05
C HIS A 477 28.81 -9.31 -2.35
N GLY A 478 28.68 -9.47 -1.03
CA GLY A 478 27.88 -8.56 -0.24
C GLY A 478 26.50 -8.32 -0.83
N VAL A 479 26.12 -7.03 -0.94
CA VAL A 479 24.74 -6.68 -1.24
C VAL A 479 24.35 -7.18 -2.63
N TRP A 480 25.32 -7.33 -3.53
CA TRP A 480 25.04 -7.80 -4.87
C TRP A 480 24.42 -9.19 -4.88
N GLU A 481 24.79 -10.04 -3.91
CA GLU A 481 24.32 -11.43 -3.75
C GLU A 481 23.18 -11.56 -2.75
N ALA A 482 22.76 -10.47 -2.12
CA ALA A 482 21.75 -10.58 -1.07
C ALA A 482 20.39 -10.91 -1.66
N PRO A 483 19.65 -11.83 -1.06
CA PRO A 483 18.26 -12.05 -1.49
C PRO A 483 17.43 -10.78 -1.52
N PHE A 484 17.72 -9.85 -0.61
CA PHE A 484 16.94 -8.64 -0.39
C PHE A 484 17.72 -7.73 0.55
N ALA A 485 17.32 -6.45 0.58
CA ALA A 485 17.81 -5.48 1.56
C ALA A 485 16.66 -5.08 2.47
N ASP A 486 16.87 -5.20 3.78
CA ASP A 486 15.94 -4.64 4.75
C ASP A 486 15.86 -3.13 4.52
N MET A 487 14.64 -2.63 4.41
CA MET A 487 14.43 -1.22 4.13
C MET A 487 13.93 -0.44 5.34
N ARG A 488 13.62 -1.11 6.44
CA ARG A 488 13.22 -0.40 7.65
C ARG A 488 14.30 0.58 8.10
N SER A 489 13.87 1.75 8.55
CA SER A 489 14.79 2.76 9.02
C SER A 489 15.29 2.42 10.43
N ARG A 490 16.33 3.12 10.87
CA ARG A 490 16.74 3.03 12.26
C ARG A 490 15.58 3.25 13.21
N ARG A 491 14.75 4.24 12.91
CA ARG A 491 13.64 4.57 13.80
C ARG A 491 12.57 3.49 13.73
N ASP A 492 12.29 2.97 12.52
CA ASP A 492 11.34 1.88 12.35
C ASP A 492 11.67 0.71 13.27
N ARG A 493 12.96 0.33 13.33
CA ARG A 493 13.33 -0.85 14.11
C ARG A 493 13.30 -0.56 15.61
N ALA A 494 13.69 0.65 16.01
CA ALA A 494 13.70 0.97 17.43
C ALA A 494 12.28 1.03 17.99
N VAL A 495 11.37 1.67 17.24
CA VAL A 495 9.96 1.72 17.65
C VAL A 495 9.36 0.32 17.69
N TRP A 496 9.61 -0.49 16.65
CA TRP A 496 9.01 -1.82 16.64
C TRP A 496 9.59 -2.69 17.74
N ASN A 497 10.91 -2.65 17.96
CA ASN A 497 11.52 -3.41 19.04
C ASN A 497 10.99 -2.99 20.41
N GLU A 498 10.87 -1.68 20.64
CA GLU A 498 10.33 -1.20 21.91
C GLU A 498 8.94 -1.74 22.14
N THR A 499 8.09 -1.66 21.11
CA THR A 499 6.69 -2.00 21.22
C THR A 499 6.51 -3.50 21.38
N ASN A 500 7.45 -4.29 20.85
CA ASN A 500 7.32 -5.74 20.83
C ASN A 500 8.29 -6.43 21.79
N ASP A 501 8.81 -5.70 22.78
CA ASP A 501 9.61 -6.26 23.87
C ASP A 501 8.65 -6.70 24.97
N THR A 502 7.98 -7.84 24.74
CA THR A 502 6.83 -8.20 25.56
C THR A 502 6.98 -9.51 26.31
N ALA A 503 8.13 -10.17 26.26
CA ALA A 503 8.25 -11.49 26.89
C ALA A 503 8.16 -11.35 28.40
N GLU A 504 7.42 -12.26 29.03
CA GLU A 504 7.19 -12.38 30.47
C GLU A 504 7.03 -13.86 30.79
N PRO A 505 7.65 -14.35 31.86
CA PRO A 505 7.44 -15.75 32.23
C PRO A 505 6.02 -15.94 32.74
N VAL A 506 5.40 -17.05 32.33
CA VAL A 506 4.06 -17.43 32.74
C VAL A 506 4.21 -18.63 33.68
N PRO A 507 3.86 -18.49 34.97
CA PRO A 507 4.03 -19.61 35.91
C PRO A 507 3.21 -20.83 35.51
N ALA A 508 3.80 -22.01 35.70
CA ALA A 508 3.23 -23.31 35.33
C ALA A 508 2.12 -23.72 36.31
N VAL A 509 1.08 -22.91 36.38
CA VAL A 509 -0.13 -23.18 37.15
C VAL A 509 -1.27 -23.45 36.17
N LEU A 510 -1.88 -24.62 36.27
CA LEU A 510 -2.97 -24.99 35.37
C LEU A 510 -4.19 -24.12 35.63
N LEU A 511 -5.04 -24.00 34.59
CA LEU A 511 -6.15 -23.06 34.62
C LEU A 511 -7.11 -23.36 35.76
N GLN A 512 -7.50 -24.64 35.92
CA GLN A 512 -8.43 -25.00 36.99
C GLN A 512 -7.78 -24.82 38.36
N GLU A 513 -6.46 -25.04 38.46
CA GLU A 513 -5.78 -24.89 39.74
C GLU A 513 -5.85 -23.45 40.22
N ARG A 514 -5.79 -22.49 39.30
CA ARG A 514 -5.95 -21.11 39.70
C ARG A 514 -7.35 -20.85 40.22
N PHE A 515 -8.37 -21.40 39.56
CA PHE A 515 -9.74 -21.23 40.05
C PHE A 515 -9.96 -21.91 41.39
N PHE A 516 -9.49 -23.15 41.55
CA PHE A 516 -9.67 -23.83 42.83
C PHE A 516 -8.96 -23.09 43.96
N ALA A 517 -7.76 -22.58 43.71
CA ALA A 517 -7.10 -21.78 44.74
C ALA A 517 -7.94 -20.56 45.09
N GLN A 518 -8.53 -19.90 44.09
CA GLN A 518 -9.41 -18.78 44.40
C GLN A 518 -10.66 -19.22 45.17
N ALA A 519 -11.20 -20.41 44.86
CA ALA A 519 -12.35 -20.92 45.63
C ALA A 519 -11.98 -21.21 47.09
N ARG A 520 -10.77 -21.67 47.36
CA ARG A 520 -10.32 -21.75 48.75
C ARG A 520 -10.13 -20.36 49.38
N ARG A 521 -9.68 -19.36 48.61
CA ARG A 521 -9.44 -18.02 49.16
C ARG A 521 -10.75 -17.35 49.57
N THR A 522 -11.75 -17.30 48.69
CA THR A 522 -13.01 -16.60 48.91
C THR A 522 -14.16 -17.54 48.61
N PRO A 523 -14.37 -18.55 49.47
CA PRO A 523 -15.36 -19.60 49.14
C PRO A 523 -16.80 -19.12 49.11
N ASP A 524 -17.13 -18.01 49.76
CA ASP A 524 -18.50 -17.55 49.84
C ASP A 524 -18.80 -16.37 48.93
N ALA A 525 -17.82 -15.89 48.17
CA ALA A 525 -18.07 -14.85 47.20
C ALA A 525 -18.86 -15.41 46.02
N GLU A 526 -19.55 -14.51 45.32
CA GLU A 526 -20.33 -14.90 44.15
C GLU A 526 -19.42 -15.27 42.99
N ALA A 527 -19.60 -16.48 42.47
CA ALA A 527 -18.88 -16.91 41.27
C ALA A 527 -19.69 -16.71 40.00
N VAL A 528 -20.87 -17.34 39.90
CA VAL A 528 -21.71 -17.28 38.71
C VAL A 528 -23.11 -16.87 39.13
N VAL A 529 -23.61 -15.79 38.55
CA VAL A 529 -24.99 -15.36 38.70
C VAL A 529 -25.68 -15.60 37.37
N ALA A 530 -26.64 -16.53 37.36
CA ALA A 530 -27.23 -16.99 36.09
C ALA A 530 -28.73 -17.24 36.31
N SER A 531 -29.53 -16.19 36.06
CA SER A 531 -30.98 -16.32 35.91
C SER A 531 -31.62 -16.88 37.17
N GLY A 532 -31.73 -16.04 38.19
CA GLY A 532 -32.31 -16.47 39.45
C GLY A 532 -31.59 -17.68 40.02
N LEU A 533 -30.28 -17.53 40.22
CA LEU A 533 -29.44 -18.55 40.83
C LEU A 533 -28.02 -18.00 41.00
N ARG A 534 -27.52 -18.03 42.21
CA ARG A 534 -26.26 -17.41 42.55
C ARG A 534 -25.33 -18.49 43.07
N LEU A 535 -24.47 -19.02 42.20
CA LEU A 535 -23.49 -20.01 42.60
C LEU A 535 -22.31 -19.31 43.29
N THR A 536 -21.97 -19.79 44.46
CA THR A 536 -20.83 -19.30 45.19
C THR A 536 -19.56 -19.96 44.63
N TYR A 537 -18.40 -19.39 44.97
CA TYR A 537 -17.15 -20.02 44.53
C TYR A 537 -17.04 -21.45 45.04
N ASP A 538 -17.41 -21.68 46.31
CA ASP A 538 -17.30 -23.03 46.86
C ASP A 538 -18.29 -23.98 46.19
N GLU A 539 -19.54 -23.54 46.00
CA GLU A 539 -20.53 -24.34 45.30
C GLU A 539 -20.05 -24.70 43.89
N LEU A 540 -19.48 -23.73 43.17
CA LEU A 540 -19.00 -24.01 41.82
C LEU A 540 -17.82 -24.98 41.83
N ALA A 541 -16.89 -24.82 42.79
CA ALA A 541 -15.76 -25.73 42.87
C ALA A 541 -16.22 -27.15 43.18
N ARG A 542 -17.16 -27.28 44.14
CA ARG A 542 -17.69 -28.60 44.48
C ARG A 542 -18.30 -29.29 43.27
N HIS A 543 -19.09 -28.58 42.45
CA HIS A 543 -19.70 -29.26 41.30
C HIS A 543 -18.68 -29.58 40.22
N ALA A 544 -17.69 -28.69 40.03
CA ALA A 544 -16.57 -29.04 39.16
C ALA A 544 -15.87 -30.31 39.65
N TYR A 545 -15.68 -30.43 40.96
CA TYR A 545 -15.09 -31.67 41.51
C TYR A 545 -15.99 -32.88 41.25
N ARG A 546 -17.31 -32.72 41.44
CA ARG A 546 -18.21 -33.83 41.14
C ARG A 546 -18.05 -34.29 39.69
N ILE A 547 -18.01 -33.33 38.75
CA ILE A 547 -17.85 -33.70 37.35
C ILE A 547 -16.48 -34.32 37.11
N GLY A 548 -15.43 -33.72 37.69
CA GLY A 548 -14.08 -34.20 37.42
C GLY A 548 -13.84 -35.60 37.92
N ASN A 549 -14.28 -35.89 39.16
CA ASN A 549 -14.13 -37.25 39.69
C ASN A 549 -14.88 -38.26 38.83
N THR A 550 -16.10 -37.90 38.41
CA THR A 550 -16.88 -38.79 37.57
C THR A 550 -16.21 -39.02 36.23
N LEU A 551 -15.74 -37.94 35.59
CA LEU A 551 -15.09 -38.11 34.30
C LEU A 551 -13.81 -38.91 34.43
N ARG A 552 -13.02 -38.62 35.46
CA ARG A 552 -11.82 -39.40 35.69
C ARG A 552 -12.16 -40.89 35.80
N GLU A 553 -13.18 -41.22 36.60
CA GLU A 553 -13.60 -42.61 36.80
C GLU A 553 -14.03 -43.28 35.49
N ARG A 554 -14.65 -42.52 34.57
CA ARG A 554 -15.12 -43.08 33.31
C ARG A 554 -14.07 -43.09 32.21
N GLY A 555 -12.80 -42.82 32.54
CA GLY A 555 -11.72 -43.07 31.61
C GLY A 555 -11.12 -41.87 30.91
N VAL A 556 -11.56 -40.64 31.25
CA VAL A 556 -10.90 -39.45 30.71
C VAL A 556 -9.47 -39.39 31.24
N ARG A 557 -8.53 -39.19 30.33
CA ARG A 557 -7.11 -39.14 30.61
C ARG A 557 -6.55 -37.91 29.90
N PRO A 558 -5.39 -37.42 30.32
CA PRO A 558 -4.82 -36.22 29.66
C PRO A 558 -4.74 -36.43 28.16
N GLY A 559 -5.22 -35.44 27.41
CA GLY A 559 -5.32 -35.52 25.97
C GLY A 559 -6.71 -35.79 25.45
N ASP A 560 -7.63 -36.26 26.29
CA ASP A 560 -8.97 -36.55 25.83
C ASP A 560 -9.77 -35.28 25.66
N LEU A 561 -10.63 -35.25 24.64
CA LEU A 561 -11.56 -34.17 24.42
C LEU A 561 -12.93 -34.54 24.94
N VAL A 562 -13.59 -33.60 25.63
CA VAL A 562 -14.93 -33.77 26.12
C VAL A 562 -15.79 -32.64 25.55
N GLY A 563 -16.86 -33.00 24.82
CA GLY A 563 -17.73 -31.99 24.25
C GLY A 563 -18.56 -31.29 25.32
N VAL A 564 -18.80 -30.00 25.10
CA VAL A 564 -19.71 -29.21 25.94
C VAL A 564 -20.75 -28.62 25.00
N VAL A 565 -21.94 -29.21 25.00
CA VAL A 565 -23.05 -28.79 24.12
C VAL A 565 -24.15 -28.26 25.03
N MET A 566 -24.13 -26.96 25.28
CA MET A 566 -25.02 -26.35 26.25
C MET A 566 -25.48 -25.01 25.73
N GLU A 567 -26.47 -24.45 26.41
CA GLU A 567 -26.85 -23.05 26.23
C GLU A 567 -26.36 -22.27 27.43
N LYS A 568 -26.35 -20.93 27.31
CA LYS A 568 -25.81 -20.10 28.39
C LYS A 568 -26.40 -20.50 29.74
N GLY A 569 -25.53 -20.69 30.72
CA GLY A 569 -25.95 -21.08 32.05
C GLY A 569 -24.76 -21.55 32.86
N TRP A 570 -25.01 -21.71 34.17
CA TRP A 570 -23.93 -22.06 35.08
C TRP A 570 -23.35 -23.43 34.77
N GLU A 571 -24.10 -24.30 34.09
CA GLU A 571 -23.58 -25.63 33.81
C GLU A 571 -22.38 -25.60 32.87
N GLN A 572 -22.25 -24.53 32.08
CA GLN A 572 -21.07 -24.41 31.21
C GLN A 572 -19.81 -24.21 32.02
N TYR A 573 -19.88 -23.42 33.09
CA TYR A 573 -18.72 -23.15 33.92
C TYR A 573 -18.33 -24.36 34.74
N ALA A 574 -19.33 -25.04 35.33
CA ALA A 574 -19.06 -26.28 36.04
C ALA A 574 -18.45 -27.32 35.12
N ALA A 575 -18.99 -27.46 33.90
CA ALA A 575 -18.49 -28.48 32.97
C ALA A 575 -17.05 -28.21 32.56
N VAL A 576 -16.69 -26.95 32.27
CA VAL A 576 -15.33 -26.64 31.85
C VAL A 576 -14.33 -27.01 32.95
N TYR A 577 -14.57 -26.53 34.17
CA TYR A 577 -13.63 -26.79 35.25
C TYR A 577 -13.61 -28.25 35.64
N GLY A 578 -14.74 -28.96 35.51
CA GLY A 578 -14.73 -30.40 35.77
C GLY A 578 -13.94 -31.18 34.73
N ILE A 579 -14.05 -30.80 33.46
CA ILE A 579 -13.26 -31.46 32.42
C ILE A 579 -11.78 -31.22 32.64
N LEU A 580 -11.39 -29.97 32.94
CA LEU A 580 -10.00 -29.67 33.20
CA LEU A 580 -10.00 -29.67 33.20
C LEU A 580 -9.50 -30.39 34.45
N ALA A 581 -10.30 -30.35 35.53
CA ALA A 581 -9.95 -31.09 36.75
C ALA A 581 -9.71 -32.56 36.46
N ALA A 582 -10.52 -33.15 35.56
CA ALA A 582 -10.37 -34.56 35.23
C ALA A 582 -9.11 -34.83 34.44
N GLY A 583 -8.60 -33.82 33.72
CA GLY A 583 -7.39 -33.94 32.95
C GLY A 583 -7.58 -33.73 31.46
N GLY A 584 -8.81 -33.55 30.98
CA GLY A 584 -9.06 -33.40 29.56
C GLY A 584 -9.19 -31.94 29.15
N ALA A 585 -9.46 -31.76 27.87
CA ALA A 585 -9.71 -30.48 27.25
C ALA A 585 -11.16 -30.42 26.81
N TYR A 586 -11.78 -29.25 26.93
CA TYR A 586 -13.19 -29.16 26.55
C TYR A 586 -13.31 -28.70 25.11
N LEU A 587 -14.36 -29.21 24.44
CA LEU A 587 -14.67 -28.94 23.05
C LEU A 587 -16.07 -28.36 23.00
N PRO A 588 -16.23 -27.05 23.01
CA PRO A 588 -17.58 -26.46 23.04
C PRO A 588 -18.20 -26.45 21.67
N ILE A 589 -19.47 -26.82 21.60
CA ILE A 589 -20.21 -26.84 20.35
C ILE A 589 -21.56 -26.19 20.56
N ASP A 590 -21.94 -25.31 19.65
CA ASP A 590 -23.20 -24.59 19.70
C ASP A 590 -24.36 -25.57 19.76
N ALA A 591 -25.18 -25.46 20.80
CA ALA A 591 -26.34 -26.35 20.95
C ALA A 591 -27.44 -26.05 19.94
N ALA A 592 -27.30 -24.97 19.15
CA ALA A 592 -28.28 -24.61 18.14
C ALA A 592 -27.76 -24.89 16.73
N SER A 593 -26.73 -25.73 16.62
CA SER A 593 -26.18 -26.04 15.30
C SER A 593 -27.25 -26.71 14.45
N PRO A 594 -27.17 -26.56 13.12
CA PRO A 594 -28.13 -27.22 12.24
C PRO A 594 -27.83 -28.70 12.08
N ARG A 595 -28.84 -29.43 11.60
CA ARG A 595 -28.69 -30.76 10.98
C ARG A 595 -28.03 -31.71 11.96
N GLY A 596 -26.93 -32.36 11.61
CA GLY A 596 -26.16 -33.18 12.51
C GLY A 596 -24.74 -32.66 12.49
N ARG A 597 -24.61 -31.33 12.58
CA ARG A 597 -23.29 -30.72 12.70
C ARG A 597 -22.62 -31.12 14.00
N VAL A 598 -23.37 -31.07 15.11
CA VAL A 598 -22.84 -31.46 16.42
C VAL A 598 -22.25 -32.86 16.36
N ALA A 599 -22.95 -33.79 15.72
CA ALA A 599 -22.43 -35.14 15.60
C ALA A 599 -21.21 -35.20 14.68
N ARG A 600 -21.17 -34.36 13.64
CA ARG A 600 -20.02 -34.39 12.75
C ARG A 600 -18.77 -33.84 13.47
N LEU A 601 -18.92 -32.72 14.18
CA LEU A 601 -17.77 -32.16 14.90
C LEU A 601 -17.26 -33.13 15.95
N LEU A 602 -18.16 -33.75 16.73
CA LEU A 602 -17.72 -34.67 17.77
C LEU A 602 -17.01 -35.89 17.18
N GLU A 603 -17.56 -36.44 16.10
CA GLU A 603 -16.91 -37.57 15.42
C GLU A 603 -15.55 -37.16 14.89
N SER A 604 -15.49 -36.01 14.21
CA SER A 604 -14.23 -35.50 13.68
C SER A 604 -13.20 -35.24 14.78
N ALA A 605 -13.63 -34.69 15.91
CA ALA A 605 -12.70 -34.39 16.98
C ALA A 605 -12.34 -35.61 17.82
N GLY A 606 -13.07 -36.72 17.66
CA GLY A 606 -12.80 -37.89 18.47
C GLY A 606 -13.31 -37.80 19.89
N ALA A 607 -14.25 -36.92 20.16
CA ALA A 607 -14.76 -36.73 21.53
C ALA A 607 -15.84 -37.78 21.82
N GLY A 608 -15.48 -38.79 22.62
CA GLY A 608 -16.42 -39.84 22.96
C GLY A 608 -17.39 -39.53 24.09
N ILE A 609 -17.23 -38.40 24.78
CA ILE A 609 -18.11 -38.01 25.87
C ILE A 609 -18.62 -36.61 25.58
N VAL A 610 -19.86 -36.34 25.99
CA VAL A 610 -20.50 -35.04 25.86
C VAL A 610 -21.17 -34.70 27.18
N LEU A 611 -21.01 -33.47 27.64
CA LEU A 611 -21.81 -32.95 28.74
C LEU A 611 -22.81 -31.94 28.21
N THR A 612 -24.04 -32.02 28.71
CA THR A 612 -25.10 -31.14 28.27
C THR A 612 -26.02 -30.82 29.45
N GLN A 613 -27.14 -30.19 29.15
CA GLN A 613 -28.16 -29.86 30.14
C GLN A 613 -29.38 -30.74 29.89
N SER A 614 -29.98 -31.25 30.98
CA SER A 614 -31.14 -32.14 30.84
C SER A 614 -32.29 -31.46 30.11
N ARG A 615 -32.55 -30.17 30.38
CA ARG A 615 -33.60 -29.41 29.67
C ARG A 615 -33.35 -29.32 28.17
N LEU A 616 -32.25 -29.88 27.69
CA LEU A 616 -31.78 -29.67 26.33
C LEU A 616 -31.40 -30.96 25.61
N ARG A 617 -31.20 -32.06 26.33
CA ARG A 617 -30.66 -33.28 25.73
C ARG A 617 -31.49 -33.75 24.54
N ASP A 618 -32.81 -33.56 24.60
CA ASP A 618 -33.69 -34.21 23.63
C ASP A 618 -33.65 -33.58 22.23
N GLU A 619 -33.29 -32.29 22.13
CA GLU A 619 -33.19 -31.67 20.81
C GLU A 619 -31.79 -31.80 20.19
N LEU A 620 -30.99 -32.77 20.61
CA LEU A 620 -29.65 -32.97 20.06
C LEU A 620 -29.54 -34.36 19.46
N ASP A 621 -28.97 -34.43 18.25
CA ASP A 621 -28.77 -35.68 17.51
C ASP A 621 -27.32 -36.12 17.77
N LEU A 622 -27.13 -36.86 18.85
CA LEU A 622 -25.79 -37.35 19.18
C LEU A 622 -25.68 -38.83 18.84
N PRO A 623 -24.57 -39.27 18.26
CA PRO A 623 -24.45 -40.68 17.85
C PRO A 623 -24.54 -41.61 19.04
N ALA A 624 -24.81 -42.89 18.76
CA ALA A 624 -25.25 -43.80 19.82
C ALA A 624 -24.12 -44.25 20.73
N GLY A 625 -22.89 -44.32 20.23
CA GLY A 625 -21.77 -44.76 21.05
C GLY A 625 -21.26 -43.71 22.01
N THR A 626 -21.92 -42.55 22.06
CA THR A 626 -21.49 -41.40 22.83
C THR A 626 -22.04 -41.50 24.25
N THR A 627 -21.18 -41.24 25.24
CA THR A 627 -21.63 -41.01 26.61
C THR A 627 -22.11 -39.57 26.72
N VAL A 628 -23.36 -39.39 27.13
CA VAL A 628 -23.97 -38.09 27.28
C VAL A 628 -24.37 -37.94 28.74
N LEU A 629 -23.68 -37.06 29.45
CA LEU A 629 -24.00 -36.80 30.83
C LEU A 629 -24.61 -35.41 30.97
N ARG A 630 -25.61 -35.28 31.81
CA ARG A 630 -26.30 -34.01 32.02
C ARG A 630 -25.69 -33.34 33.25
N ALA A 631 -25.01 -32.22 33.03
CA ALA A 631 -24.30 -31.52 34.11
C ALA A 631 -25.16 -31.34 35.35
N ASP A 632 -26.45 -31.12 35.19
CA ASP A 632 -27.28 -30.67 36.28
C ASP A 632 -28.02 -31.79 37.00
N THR A 633 -27.97 -33.05 36.50
CA THR A 633 -28.63 -34.15 37.22
C THR A 633 -27.75 -35.40 37.40
N ASP A 634 -26.96 -35.78 36.40
CA ASP A 634 -26.22 -37.05 36.39
C ASP A 634 -24.98 -37.06 37.30
N PHE A 635 -24.74 -36.03 38.11
CA PHE A 635 -23.52 -35.92 38.90
C PHE A 635 -23.80 -35.65 40.37
N GLU A 636 -25.07 -35.65 40.79
CA GLU A 636 -25.47 -35.23 42.13
C GLU A 636 -24.94 -36.14 43.22
N THR A 637 -24.62 -37.40 42.92
CA THR A 637 -24.08 -38.30 43.93
C THR A 637 -22.57 -38.52 43.82
N ALA A 638 -21.87 -37.75 42.99
CA ALA A 638 -20.45 -37.99 42.81
C ALA A 638 -19.65 -37.40 43.98
N SER A 639 -18.42 -37.90 44.13
CA SER A 639 -17.50 -37.33 45.12
C SER A 639 -17.21 -35.86 44.82
N THR A 640 -17.15 -35.04 45.89
CA THR A 640 -16.61 -33.69 45.80
C THR A 640 -15.20 -33.60 46.35
N ALA A 641 -14.48 -34.71 46.40
CA ALA A 641 -13.12 -34.69 46.89
C ALA A 641 -12.22 -33.97 45.88
N PRO A 642 -11.44 -32.96 46.32
CA PRO A 642 -10.46 -32.34 45.43
C PRO A 642 -9.71 -33.37 44.61
N LEU A 643 -9.53 -33.08 43.33
CA LEU A 643 -8.92 -33.98 42.38
C LEU A 643 -7.53 -33.48 42.05
N THR A 644 -6.63 -34.40 41.76
CA THR A 644 -5.33 -33.76 41.66
C THR A 644 -4.88 -33.69 40.20
N PRO A 645 -4.30 -32.56 39.79
CA PRO A 645 -4.06 -32.32 38.36
C PRO A 645 -3.11 -33.34 37.77
N VAL A 646 -3.41 -33.77 36.54
CA VAL A 646 -2.58 -34.76 35.87
C VAL A 646 -2.16 -34.34 34.47
N GLN A 647 -2.57 -33.17 33.98
CA GLN A 647 -2.03 -32.63 32.74
C GLN A 647 -1.03 -31.52 33.07
N GLY A 648 -0.31 -31.07 32.05
CA GLY A 648 0.69 -30.03 32.21
C GLY A 648 0.32 -28.75 31.50
N PRO A 649 1.05 -27.68 31.80
CA PRO A 649 0.64 -26.35 31.31
C PRO A 649 0.63 -26.22 29.81
N ASP A 650 1.38 -27.04 29.09
CA ASP A 650 1.45 -26.96 27.64
C ASP A 650 0.58 -28.02 26.99
N ASP A 651 -0.23 -28.73 27.78
CA ASP A 651 -1.29 -29.60 27.27
C ASP A 651 -2.52 -28.80 26.90
N PRO A 652 -3.33 -29.32 25.98
CA PRO A 652 -4.52 -28.58 25.55
C PRO A 652 -5.49 -28.32 26.69
N ALA A 653 -6.02 -27.11 26.72
CA ALA A 653 -7.15 -26.77 27.58
C ALA A 653 -8.47 -26.81 26.83
N TYR A 654 -8.46 -26.51 25.54
CA TYR A 654 -9.71 -26.55 24.80
C TYR A 654 -9.41 -26.69 23.31
N VAL A 655 -10.44 -27.09 22.56
CA VAL A 655 -10.41 -27.10 21.10
C VAL A 655 -11.64 -26.34 20.62
N ILE A 656 -11.43 -25.24 19.88
CA ILE A 656 -12.52 -24.43 19.36
C ILE A 656 -12.50 -24.48 17.84
N TYR A 657 -13.62 -24.85 17.24
CA TYR A 657 -13.74 -24.96 15.79
C TYR A 657 -14.03 -23.61 15.16
N THR A 658 -13.42 -23.37 14.00
CA THR A 658 -13.64 -22.17 13.20
C THR A 658 -13.91 -22.57 11.76
N SER A 659 -14.53 -21.64 11.02
CA SER A 659 -14.79 -21.73 9.57
C SER A 659 -13.82 -22.62 8.77
N GLU A 664 -13.66 -27.11 5.07
CA GLU A 664 -13.71 -27.90 6.30
C GLU A 664 -13.44 -27.03 7.52
N PRO A 665 -14.14 -27.31 8.61
CA PRO A 665 -13.86 -26.56 9.85
C PRO A 665 -12.57 -27.06 10.47
N LYS A 666 -11.79 -26.14 11.02
CA LYS A 666 -10.56 -26.49 11.71
C LYS A 666 -10.72 -26.37 13.22
N GLY A 667 -10.20 -27.36 13.94
CA GLY A 667 -10.16 -27.34 15.39
C GLY A 667 -8.91 -26.66 15.91
N VAL A 668 -9.08 -25.51 16.56
CA VAL A 668 -7.97 -24.73 17.09
C VAL A 668 -7.68 -25.23 18.50
N VAL A 669 -6.52 -25.84 18.70
CA VAL A 669 -6.10 -26.45 19.96
C VAL A 669 -5.25 -25.44 20.73
N VAL A 670 -5.71 -25.04 21.93
CA VAL A 670 -5.04 -24.03 22.74
C VAL A 670 -4.64 -24.63 24.09
N ALA A 671 -3.41 -24.35 24.53
CA ALA A 671 -2.88 -24.89 25.79
C ALA A 671 -3.17 -23.97 26.98
N HIS A 672 -3.01 -24.53 28.20
CA HIS A 672 -3.24 -23.76 29.43
C HIS A 672 -2.35 -22.52 29.49
N ARG A 673 -1.06 -22.68 29.14
CA ARG A 673 -0.08 -21.63 29.35
C ARG A 673 -0.48 -20.34 28.64
N GLY A 674 -0.86 -20.44 27.37
CA GLY A 674 -1.29 -19.26 26.62
C GLY A 674 -2.52 -18.58 27.19
N VAL A 675 -3.47 -19.35 27.75
CA VAL A 675 -4.63 -18.72 28.38
C VAL A 675 -4.24 -18.02 29.69
N ALA A 676 -3.39 -18.67 30.51
CA ALA A 676 -2.85 -18.01 31.70
C ALA A 676 -2.17 -16.69 31.33
N ASN A 677 -1.43 -16.67 30.24
CA ASN A 677 -0.84 -15.42 29.76
C ASN A 677 -1.90 -14.35 29.52
N LEU A 678 -2.94 -14.67 28.73
CA LEU A 678 -4.04 -13.72 28.51
C LEU A 678 -4.63 -13.23 29.84
N VAL A 679 -4.96 -14.15 30.73
CA VAL A 679 -5.64 -13.79 31.97
C VAL A 679 -4.76 -12.90 32.85
N ARG A 680 -3.48 -13.24 32.95
CA ARG A 680 -2.58 -12.44 33.77
C ARG A 680 -2.38 -11.05 33.16
N ASP A 681 -2.27 -10.95 31.83
CA ASP A 681 -2.09 -9.65 31.20
C ASP A 681 -3.29 -8.74 31.44
N VAL A 682 -4.50 -9.28 31.28
CA VAL A 682 -5.71 -8.47 31.42
C VAL A 682 -5.88 -8.01 32.87
N ARG A 683 -5.58 -8.87 33.84
CA ARG A 683 -5.73 -8.50 35.24
C ARG A 683 -4.87 -7.29 35.59
N ARG A 684 -3.60 -7.31 35.17
CA ARG A 684 -2.71 -6.20 35.49
C ARG A 684 -3.06 -4.98 34.66
N ARG A 685 -3.33 -5.17 33.38
CA ARG A 685 -3.51 -4.03 32.49
C ARG A 685 -4.79 -3.25 32.83
N PHE A 686 -5.84 -3.92 33.30
CA PHE A 686 -7.12 -3.26 33.51
C PHE A 686 -7.54 -3.33 34.96
N ALA A 687 -6.62 -3.76 35.84
CA ALA A 687 -6.83 -3.76 37.28
C ALA A 687 -8.13 -4.48 37.66
N VAL A 688 -8.27 -5.72 37.17
CA VAL A 688 -9.42 -6.54 37.53
C VAL A 688 -9.29 -7.01 38.97
N THR A 689 -10.32 -6.77 39.78
CA THR A 689 -10.35 -7.14 41.19
C THR A 689 -11.62 -7.93 41.50
N PRO A 690 -11.73 -8.49 42.72
CA PRO A 690 -12.97 -9.20 43.07
C PRO A 690 -14.23 -8.36 42.99
N ALA A 691 -14.14 -7.03 43.09
CA ALA A 691 -15.37 -6.25 42.95
C ALA A 691 -15.96 -6.32 41.55
N ASP A 692 -15.18 -6.74 40.55
CA ASP A 692 -15.63 -6.65 39.17
C ASP A 692 -16.70 -7.69 38.87
N ARG A 693 -17.60 -7.35 37.96
CA ARG A 693 -18.68 -8.24 37.54
C ARG A 693 -18.78 -8.17 36.03
N LEU A 694 -18.48 -9.30 35.38
CA LEU A 694 -18.38 -9.39 33.94
C LEU A 694 -19.65 -10.01 33.36
N LEU A 695 -20.13 -9.47 32.24
CA LEU A 695 -21.29 -10.03 31.56
C LEU A 695 -20.80 -10.99 30.48
N ALA A 696 -21.04 -12.29 30.69
CA ALA A 696 -20.55 -13.34 29.79
C ALA A 696 -21.52 -13.47 28.61
N LEU A 697 -21.37 -12.55 27.65
CA LEU A 697 -22.25 -12.49 26.49
C LEU A 697 -21.90 -13.53 25.44
N SER A 698 -20.61 -13.69 25.13
CA SER A 698 -20.21 -14.51 23.99
C SER A 698 -20.50 -15.98 24.26
N GLY A 699 -20.74 -16.71 23.19
CA GLY A 699 -21.04 -18.13 23.31
C GLY A 699 -19.77 -18.93 23.53
N LEU A 700 -19.94 -20.04 24.26
CA LEU A 700 -18.81 -20.87 24.67
C LEU A 700 -18.03 -21.40 23.47
N HIS A 701 -18.70 -21.52 22.33
CA HIS A 701 -18.05 -22.06 21.14
C HIS A 701 -17.32 -20.97 20.35
N PHE A 702 -17.31 -19.73 20.84
CA PHE A 702 -16.47 -18.66 20.30
C PHE A 702 -15.31 -18.33 21.24
N ASP A 703 -14.16 -18.11 20.62
CA ASP A 703 -12.93 -17.56 21.19
C ASP A 703 -13.18 -16.48 22.24
N ALA A 704 -14.14 -15.58 22.01
CA ALA A 704 -14.29 -14.43 22.90
C ALA A 704 -14.75 -14.83 24.29
N SER A 705 -15.39 -15.99 24.42
CA SER A 705 -15.83 -16.43 25.73
C SER A 705 -14.68 -16.91 26.59
N VAL A 706 -13.51 -17.16 25.99
CA VAL A 706 -12.41 -17.78 26.73
C VAL A 706 -11.97 -16.89 27.88
N TYR A 707 -11.89 -15.58 27.66
CA TYR A 707 -11.59 -14.70 28.80
C TYR A 707 -12.71 -14.76 29.83
N ASP A 708 -13.98 -14.80 29.36
CA ASP A 708 -15.11 -14.83 30.29
C ASP A 708 -15.05 -16.07 31.18
N VAL A 709 -14.59 -17.19 30.61
CA VAL A 709 -14.54 -18.44 31.35
C VAL A 709 -13.41 -18.43 32.37
N PHE A 710 -12.24 -17.88 32.03
CA PHE A 710 -11.06 -18.05 32.88
C PHE A 710 -10.60 -16.79 33.62
N GLY A 711 -10.96 -15.60 33.17
CA GLY A 711 -10.44 -14.38 33.74
C GLY A 711 -11.01 -14.01 35.11
N PRO A 712 -12.32 -13.73 35.18
CA PRO A 712 -12.90 -13.29 36.46
C PRO A 712 -12.75 -14.32 37.55
N LEU A 713 -12.92 -15.60 37.21
CA LEU A 713 -12.87 -16.65 38.21
C LEU A 713 -11.45 -16.88 38.75
N ALA A 714 -10.41 -16.47 38.01
CA ALA A 714 -9.05 -16.64 38.50
C ALA A 714 -8.71 -15.68 39.64
N CYS A 715 -9.38 -14.54 39.71
CA CYS A 715 -9.04 -13.53 40.69
C CYS A 715 -10.15 -13.20 41.70
N GLY A 716 -11.29 -13.89 41.66
CA GLY A 716 -12.32 -13.69 42.65
C GLY A 716 -13.49 -12.82 42.23
N ALA A 717 -13.62 -12.48 40.96
CA ALA A 717 -14.70 -11.61 40.51
C ALA A 717 -15.91 -12.47 40.14
N THR A 718 -16.98 -11.84 39.63
CA THR A 718 -18.26 -12.49 39.41
C THR A 718 -18.60 -12.52 37.92
N VAL A 719 -18.97 -13.69 37.43
CA VAL A 719 -19.49 -13.85 36.07
C VAL A 719 -21.02 -13.75 36.12
N VAL A 720 -21.58 -12.79 35.41
CA VAL A 720 -23.01 -12.61 35.27
C VAL A 720 -23.42 -13.23 33.93
N VAL A 721 -24.14 -14.34 33.96
CA VAL A 721 -24.53 -15.05 32.73
C VAL A 721 -25.91 -14.59 32.29
N PRO A 722 -26.08 -14.12 31.06
CA PRO A 722 -27.42 -13.68 30.60
C PRO A 722 -28.27 -14.88 30.23
N PRO A 723 -29.58 -14.69 30.11
CA PRO A 723 -30.42 -15.79 29.60
C PRO A 723 -30.00 -16.15 28.19
N PRO A 724 -30.17 -17.42 27.79
CA PRO A 724 -29.90 -17.78 26.40
C PRO A 724 -30.69 -16.90 25.44
N PHE A 725 -30.09 -16.60 24.29
CA PHE A 725 -30.69 -15.69 23.33
C PHE A 725 -30.25 -16.14 21.93
N ARG A 726 -31.19 -16.17 21.01
CA ARG A 726 -30.90 -16.47 19.61
C ARG A 726 -30.94 -15.23 18.73
N ARG A 727 -31.26 -14.07 19.30
CA ARG A 727 -31.12 -12.78 18.64
C ARG A 727 -30.78 -11.75 19.71
N ALA A 728 -30.15 -10.66 19.29
CA ALA A 728 -29.76 -9.63 20.24
C ALA A 728 -30.97 -9.12 21.02
N GLU A 729 -30.80 -8.93 22.33
CA GLU A 729 -31.83 -8.34 23.17
C GLU A 729 -31.22 -7.26 24.05
N PRO A 730 -30.89 -6.11 23.45
CA PRO A 730 -30.19 -5.02 24.19
C PRO A 730 -30.89 -4.59 25.47
N ASP A 731 -32.23 -4.61 25.48
CA ASP A 731 -32.96 -4.12 26.64
C ASP A 731 -32.85 -5.07 27.82
N VAL A 732 -32.92 -6.38 27.56
CA VAL A 732 -32.60 -7.37 28.58
C VAL A 732 -31.21 -7.14 29.12
N TRP A 733 -30.24 -6.94 28.22
CA TRP A 733 -28.86 -6.76 28.63
C TRP A 733 -28.66 -5.48 29.41
N ALA A 734 -29.34 -4.41 29.00
CA ALA A 734 -29.20 -3.15 29.73
C ALA A 734 -29.84 -3.25 31.12
N GLU A 735 -31.00 -3.93 31.22
CA GLU A 735 -31.57 -4.25 32.52
C GLU A 735 -30.58 -5.04 33.37
N LEU A 736 -30.02 -6.11 32.79
CA LEU A 736 -29.11 -6.99 33.50
C LEU A 736 -27.85 -6.24 33.95
N VAL A 737 -27.36 -5.31 33.11
CA VAL A 737 -26.21 -4.50 33.53
C VAL A 737 -26.58 -3.63 34.72
N ARG A 738 -27.80 -3.08 34.72
CA ARG A 738 -28.25 -2.26 35.85
C ARG A 738 -28.43 -3.09 37.11
N ASP A 739 -29.20 -4.19 37.00
CA ASP A 739 -29.65 -4.93 38.18
C ASP A 739 -28.50 -5.68 38.85
N GLU A 740 -27.55 -6.19 38.07
CA GLU A 740 -26.43 -6.92 38.64
C GLU A 740 -25.17 -6.08 38.71
N ARG A 741 -25.25 -4.79 38.39
CA ARG A 741 -24.14 -3.85 38.56
C ARG A 741 -22.89 -4.31 37.79
N VAL A 742 -23.09 -4.72 36.53
CA VAL A 742 -22.00 -5.21 35.69
C VAL A 742 -20.96 -4.12 35.50
N THR A 743 -19.68 -4.49 35.66
CA THR A 743 -18.58 -3.55 35.47
C THR A 743 -17.75 -3.78 34.22
N PHE A 744 -17.86 -4.96 33.61
CA PHE A 744 -16.94 -5.45 32.58
C PHE A 744 -17.79 -5.97 31.43
N TRP A 745 -17.80 -5.24 30.32
CA TRP A 745 -18.46 -5.65 29.09
C TRP A 745 -17.44 -6.18 28.08
N ASN A 746 -17.82 -7.25 27.40
CA ASN A 746 -17.00 -7.91 26.40
C ASN A 746 -17.91 -8.41 25.29
N SER A 747 -17.73 -7.91 24.06
CA SER A 747 -18.58 -8.30 22.94
C SER A 747 -18.02 -7.73 21.63
N VAL A 748 -18.60 -8.15 20.51
CA VAL A 748 -18.29 -7.57 19.21
C VAL A 748 -18.86 -6.14 19.19
N PRO A 749 -18.33 -5.23 18.38
CA PRO A 749 -18.75 -3.82 18.50
C PRO A 749 -20.24 -3.58 18.33
N VAL A 750 -20.91 -4.30 17.43
CA VAL A 750 -22.31 -3.99 17.15
C VAL A 750 -23.18 -4.27 18.37
N LEU A 751 -22.84 -5.28 19.18
CA LEU A 751 -23.66 -5.54 20.37
C LEU A 751 -23.49 -4.44 21.39
N LEU A 752 -22.33 -3.79 21.43
CA LEU A 752 -22.20 -2.65 22.33
C LEU A 752 -23.00 -1.46 21.80
N GLU A 753 -22.98 -1.26 20.49
CA GLU A 753 -23.81 -0.21 19.90
C GLU A 753 -25.28 -0.41 20.27
N LEU A 754 -25.80 -1.63 20.09
CA LEU A 754 -27.18 -1.92 20.45
C LEU A 754 -27.45 -1.60 21.91
N LEU A 755 -26.52 -1.95 22.79
CA LEU A 755 -26.72 -1.71 24.22
C LEU A 755 -26.72 -0.23 24.53
N VAL A 756 -25.85 0.53 23.87
CA VAL A 756 -25.78 1.96 24.13
C VAL A 756 -27.02 2.65 23.60
N GLY A 757 -27.47 2.26 22.40
CA GLY A 757 -28.73 2.79 21.89
C GLY A 757 -29.88 2.58 22.85
N GLU A 758 -30.05 1.34 23.33
CA GLU A 758 -31.10 1.04 24.29
C GLU A 758 -31.05 1.95 25.50
N ALA A 759 -29.84 2.23 26.01
CA ALA A 759 -29.71 3.09 27.19
C ALA A 759 -30.05 4.53 26.86
N GLU A 760 -29.65 5.00 25.67
CA GLU A 760 -29.92 6.38 25.27
C GLU A 760 -31.42 6.67 25.33
N SER A 761 -32.25 5.71 24.95
CA SER A 761 -33.69 5.83 24.97
C SER A 761 -34.32 5.66 26.36
N ARG A 762 -33.55 5.76 27.44
CA ARG A 762 -34.04 5.47 28.78
C ARG A 762 -33.61 6.54 29.75
N ASP A 763 -34.33 6.63 30.87
CA ASP A 763 -34.20 7.76 31.81
C ASP A 763 -33.25 7.46 32.96
N ASP A 764 -33.33 6.25 33.53
CA ASP A 764 -32.25 5.77 34.38
C ASP A 764 -30.97 5.67 33.55
N ARG A 765 -29.84 5.73 34.21
CA ARG A 765 -28.63 5.48 33.45
C ARG A 765 -28.24 4.03 33.71
N PRO A 766 -28.81 3.07 32.96
CA PRO A 766 -28.65 1.66 33.35
C PRO A 766 -27.26 1.10 33.08
N LEU A 767 -26.39 1.80 32.35
CA LEU A 767 -25.03 1.33 32.14
C LEU A 767 -24.03 2.00 33.05
N ALA A 768 -24.50 2.70 34.10
CA ALA A 768 -23.60 3.54 34.86
C ALA A 768 -22.52 2.77 35.62
N THR A 769 -22.72 1.49 35.92
CA THR A 769 -21.67 0.74 36.60
C THR A 769 -20.57 0.23 35.66
N LEU A 770 -20.68 0.42 34.35
CA LEU A 770 -19.67 -0.08 33.42
C LEU A 770 -18.38 0.72 33.59
N ARG A 771 -17.30 0.04 33.94
CA ARG A 771 -16.00 0.70 34.02
C ARG A 771 -15.05 0.27 32.91
N LEU A 772 -15.35 -0.82 32.23
CA LEU A 772 -14.45 -1.37 31.23
C LEU A 772 -15.30 -2.05 30.16
N ALA A 773 -15.08 -1.68 28.90
CA ALA A 773 -15.76 -2.31 27.78
C ALA A 773 -14.71 -2.67 26.74
N VAL A 774 -14.55 -3.97 26.49
CA VAL A 774 -13.60 -4.48 25.50
C VAL A 774 -14.39 -4.98 24.31
N VAL A 775 -14.16 -4.39 23.13
CA VAL A 775 -14.88 -4.78 21.92
C VAL A 775 -13.88 -5.24 20.88
N SER A 776 -14.21 -6.35 20.19
CA SER A 776 -13.32 -6.84 19.15
C SER A 776 -14.11 -7.66 18.14
N GLY A 777 -13.52 -7.79 16.96
CA GLY A 777 -14.00 -8.73 15.96
C GLY A 777 -14.66 -8.08 14.79
N ASP A 778 -14.66 -6.76 14.72
CA ASP A 778 -15.27 -6.06 13.61
C ASP A 778 -14.86 -4.60 13.75
N TRP A 779 -15.22 -3.80 12.76
CA TRP A 779 -14.89 -2.38 12.80
C TRP A 779 -15.67 -1.72 13.92
N ILE A 780 -14.98 -0.87 14.67
CA ILE A 780 -15.58 -0.10 15.75
C ILE A 780 -16.06 1.23 15.16
N PRO A 781 -17.37 1.50 15.18
CA PRO A 781 -17.84 2.80 14.69
C PRO A 781 -17.14 3.93 15.43
N LEU A 782 -16.90 5.03 14.72
CA LEU A 782 -16.04 6.08 15.25
C LEU A 782 -16.71 6.84 16.39
N ASP A 783 -18.04 6.86 16.44
CA ASP A 783 -18.75 7.56 17.50
C ASP A 783 -19.16 6.65 18.65
N LEU A 784 -18.94 5.34 18.54
CA LEU A 784 -19.34 4.43 19.60
C LEU A 784 -18.65 4.70 20.93
N PRO A 785 -17.32 4.94 20.99
CA PRO A 785 -16.72 5.15 22.32
C PRO A 785 -17.27 6.36 23.03
N GLY A 786 -17.41 7.49 22.33
CA GLY A 786 -17.99 8.67 22.94
C GLY A 786 -19.43 8.46 23.38
N ARG A 787 -20.21 7.77 22.55
CA ARG A 787 -21.58 7.43 22.92
C ARG A 787 -21.63 6.55 24.17
N ALA A 788 -20.68 5.61 24.30
CA ALA A 788 -20.70 4.74 25.47
C ALA A 788 -20.28 5.49 26.71
N ARG A 789 -19.28 6.36 26.61
CA ARG A 789 -18.84 7.12 27.77
C ARG A 789 -19.92 8.07 28.25
N ALA A 790 -20.78 8.54 27.34
CA ALA A 790 -21.94 9.34 27.72
C ALA A 790 -22.88 8.56 28.63
N GLN A 791 -23.21 7.32 28.25
CA GLN A 791 -24.11 6.51 29.08
C GLN A 791 -23.45 5.96 30.33
N ALA A 792 -22.13 6.11 30.48
CA ALA A 792 -21.41 5.52 31.61
C ALA A 792 -20.13 6.30 31.83
N PRO A 793 -20.19 7.37 32.61
CA PRO A 793 -18.99 8.16 32.84
C PRO A 793 -17.88 7.30 33.42
N GLY A 794 -16.65 7.63 33.06
CA GLY A 794 -15.49 6.88 33.51
C GLY A 794 -15.27 5.54 32.85
N LEU A 795 -16.14 5.13 31.93
CA LEU A 795 -15.94 3.89 31.19
C LEU A 795 -14.68 3.97 30.34
N ARG A 796 -13.84 2.95 30.43
CA ARG A 796 -12.74 2.75 29.48
C ARG A 796 -13.23 1.87 28.35
N VAL A 797 -13.27 2.40 27.14
CA VAL A 797 -13.55 1.59 25.96
C VAL A 797 -12.21 1.12 25.42
N VAL A 798 -12.09 -0.17 25.17
CA VAL A 798 -10.82 -0.75 24.75
C VAL A 798 -11.06 -1.58 23.52
N GLY A 799 -10.37 -1.24 22.43
CA GLY A 799 -10.42 -2.06 21.24
C GLY A 799 -9.43 -3.21 21.37
N SER A 800 -9.84 -4.36 20.86
CA SER A 800 -8.96 -5.52 20.89
C SER A 800 -9.11 -6.25 19.57
N GLY A 801 -8.46 -7.39 19.47
CA GLY A 801 -8.45 -8.13 18.22
C GLY A 801 -7.61 -9.37 18.39
N GLY A 802 -7.52 -10.13 17.31
CA GLY A 802 -6.77 -11.35 17.30
C GLY A 802 -7.66 -12.55 17.02
N PRO A 803 -7.23 -13.39 16.08
CA PRO A 803 -8.01 -14.59 15.74
C PRO A 803 -7.95 -15.63 16.85
N THR A 804 -8.75 -16.68 16.67
CA THR A 804 -8.81 -17.79 17.61
C THR A 804 -7.45 -18.41 17.83
N GLU A 805 -6.60 -18.43 16.82
CA GLU A 805 -5.24 -18.98 16.90
C GLU A 805 -4.32 -18.14 17.79
N THR A 806 -4.62 -16.85 18.07
CA THR A 806 -3.78 -16.10 19.01
C THR A 806 -4.45 -16.02 20.39
N ILE A 807 -5.49 -16.85 20.63
CA ILE A 807 -6.02 -17.09 21.99
C ILE A 807 -6.81 -15.87 22.46
N CYS A 808 -8.00 -15.64 21.87
CA CYS A 808 -8.91 -14.56 22.31
C CYS A 808 -8.25 -13.22 21.96
N TRP A 809 -7.90 -12.37 22.96
CA TRP A 809 -7.27 -11.06 22.74
C TRP A 809 -5.74 -11.17 22.68
N SER A 810 -5.12 -10.70 21.59
CA SER A 810 -3.66 -10.70 21.50
C SER A 810 -3.08 -9.29 21.32
N LEU A 811 -3.92 -8.26 21.25
CA LEU A 811 -3.47 -6.88 21.30
C LEU A 811 -4.63 -6.01 21.79
N PHE A 812 -4.31 -4.78 22.20
CA PHE A 812 -5.29 -3.85 22.73
C PHE A 812 -4.99 -2.47 22.19
N HIS A 813 -6.04 -1.69 21.98
CA HIS A 813 -5.91 -0.24 21.84
C HIS A 813 -6.89 0.42 22.78
N PRO A 814 -6.43 1.02 23.88
CA PRO A 814 -7.35 1.79 24.74
C PRO A 814 -7.81 3.04 24.01
N ILE A 815 -9.13 3.17 23.81
CA ILE A 815 -9.71 4.29 23.06
C ILE A 815 -10.00 5.40 24.06
N ASP A 816 -9.00 6.25 24.30
CA ASP A 816 -9.17 7.36 25.23
C ASP A 816 -9.73 8.61 24.56
N ALA A 817 -9.51 8.76 23.25
CA ALA A 817 -10.03 9.91 22.51
C ALA A 817 -9.95 9.58 21.04
N VAL A 818 -10.92 10.04 20.28
CA VAL A 818 -11.08 9.63 18.89
C VAL A 818 -10.79 10.82 17.99
N ASP A 819 -9.56 10.87 17.45
CA ASP A 819 -9.16 11.86 16.45
C ASP A 819 -10.13 11.83 15.27
N PRO A 820 -10.78 12.95 14.93
CA PRO A 820 -11.76 12.92 13.83
C PRO A 820 -11.12 12.85 12.45
N GLN A 821 -9.79 12.96 12.35
CA GLN A 821 -9.08 12.69 11.10
C GLN A 821 -8.86 11.20 10.86
N TRP A 822 -9.23 10.34 11.81
CA TRP A 822 -9.06 8.90 11.64
C TRP A 822 -10.12 8.35 10.70
N THR A 823 -9.74 7.37 9.89
CA THR A 823 -10.71 6.56 9.16
C THR A 823 -11.15 5.33 9.95
N SER A 824 -10.35 4.89 10.92
CA SER A 824 -10.70 3.79 11.80
C SER A 824 -10.00 4.02 13.14
N ILE A 825 -10.48 3.31 14.15
CA ILE A 825 -9.75 3.25 15.43
C ILE A 825 -8.48 2.44 15.24
N PRO A 826 -7.33 2.87 15.76
CA PRO A 826 -6.11 2.04 15.64
C PRO A 826 -6.32 0.66 16.26
N TYR A 827 -5.71 -0.34 15.62
CA TYR A 827 -5.90 -1.73 16.01
C TYR A 827 -5.18 -2.06 17.32
N GLY A 828 -4.01 -1.45 17.60
CA GLY A 828 -3.41 -1.51 18.93
C GLY A 828 -1.99 -2.04 18.95
N LYS A 829 -1.53 -2.40 20.17
CA LYS A 829 -0.19 -2.92 20.47
C LYS A 829 -0.29 -4.26 21.19
N PRO A 830 0.70 -5.15 21.02
CA PRO A 830 0.55 -6.54 21.49
C PRO A 830 0.61 -6.67 23.00
N ILE A 831 -0.16 -7.62 23.54
CA ILE A 831 -0.11 -7.95 24.97
C ILE A 831 1.17 -8.74 25.28
N ALA A 832 1.37 -9.04 26.56
CA ALA A 832 2.52 -9.86 26.99
C ALA A 832 2.70 -11.11 26.14
N ASN A 833 3.95 -11.38 25.77
CA ASN A 833 4.35 -12.57 25.03
C ASN A 833 3.82 -12.62 23.62
N GLN A 834 3.21 -11.56 23.10
CA GLN A 834 2.84 -11.49 21.70
C GLN A 834 3.69 -10.46 20.97
N ARG A 835 3.96 -10.73 19.69
CA ARG A 835 4.61 -9.77 18.79
C ARG A 835 3.82 -9.69 17.50
N TYR A 836 3.48 -8.45 17.08
CA TYR A 836 2.74 -8.21 15.85
C TYR A 836 3.70 -7.66 14.80
N TYR A 837 4.06 -8.51 13.82
CA TYR A 837 4.81 -8.12 12.64
C TYR A 837 3.86 -7.77 11.50
N ILE A 838 4.25 -6.80 10.68
CA ILE A 838 3.64 -6.57 9.38
C ILE A 838 4.65 -7.04 8.36
N VAL A 839 4.32 -8.11 7.62
CA VAL A 839 5.26 -8.75 6.71
C VAL A 839 4.78 -8.66 5.26
N ASP A 840 5.75 -8.67 4.35
CA ASP A 840 5.46 -8.75 2.92
C ASP A 840 5.24 -10.21 2.56
N ARG A 841 5.15 -10.52 1.27
CA ARG A 841 4.79 -11.87 0.84
C ARG A 841 5.90 -12.88 1.10
N ASP A 842 7.12 -12.43 1.36
CA ASP A 842 8.22 -13.31 1.73
C ASP A 842 8.40 -13.39 3.25
N LEU A 843 7.40 -12.97 4.02
CA LEU A 843 7.39 -13.04 5.49
C LEU A 843 8.49 -12.16 6.11
N ARG A 844 8.89 -11.09 5.41
CA ARG A 844 9.89 -10.17 5.90
C ARG A 844 9.25 -8.88 6.37
N PRO A 845 9.71 -8.31 7.49
CA PRO A 845 9.03 -7.15 8.07
C PRO A 845 9.17 -5.90 7.23
N ARG A 846 8.13 -5.10 7.24
CA ARG A 846 8.03 -3.93 6.39
C ARG A 846 8.25 -2.65 7.20
N PRO A 847 8.66 -1.57 6.55
CA PRO A 847 8.75 -0.29 7.24
C PRO A 847 7.39 0.22 7.67
N THR A 848 7.44 1.28 8.49
CA THR A 848 6.24 2.00 8.89
C THR A 848 5.43 2.44 7.67
N TRP A 849 4.10 2.33 7.80
CA TRP A 849 3.08 2.71 6.82
C TRP A 849 2.91 1.70 5.70
N ALA A 850 3.86 0.78 5.53
CA ALA A 850 3.75 -0.18 4.43
C ALA A 850 2.71 -1.26 4.74
N ARG A 851 1.82 -1.50 3.77
CA ARG A 851 0.75 -2.48 3.97
C ARG A 851 1.32 -3.90 3.89
N GLY A 852 0.92 -4.74 4.84
CA GLY A 852 1.28 -6.14 4.78
C GLY A 852 0.40 -6.97 5.70
N GLU A 853 0.70 -8.27 5.73
CA GLU A 853 -0.08 -9.22 6.51
C GLU A 853 0.40 -9.23 7.96
N MET A 854 -0.54 -9.18 8.90
CA MET A 854 -0.16 -9.29 10.31
C MET A 854 0.23 -10.72 10.61
N ALA A 855 1.46 -10.89 11.11
CA ALA A 855 1.97 -12.17 11.60
C ALA A 855 2.18 -12.04 13.10
N VAL A 856 1.57 -12.92 13.86
CA VAL A 856 1.57 -12.85 15.32
C VAL A 856 2.52 -13.92 15.83
N ALA A 857 3.62 -13.48 16.42
CA ALA A 857 4.70 -14.36 16.87
C ALA A 857 4.64 -14.52 18.37
N SER A 858 4.80 -15.75 18.82
CA SER A 858 4.84 -16.06 20.25
C SER A 858 5.13 -17.53 20.43
N PRO A 859 6.00 -17.88 21.39
CA PRO A 859 6.24 -19.29 21.70
C PRO A 859 5.21 -19.91 22.64
N LEU A 860 4.29 -19.11 23.19
CA LEU A 860 3.27 -19.59 24.12
C LEU A 860 1.89 -19.01 23.90
N GLY A 861 1.75 -17.85 23.28
CA GLY A 861 0.48 -17.20 23.08
C GLY A 861 -0.21 -17.56 21.79
N LEU A 862 0.28 -18.57 21.08
CA LEU A 862 -0.35 -19.11 19.89
C LEU A 862 -1.00 -20.45 20.22
N ALA A 863 -1.98 -20.81 19.42
CA ALA A 863 -2.57 -22.15 19.50
C ALA A 863 -1.51 -23.19 19.20
N LEU A 864 -1.65 -24.39 19.77
CA LEU A 864 -0.69 -25.44 19.45
C LEU A 864 -0.73 -25.80 17.96
N GLY A 865 -1.90 -25.70 17.34
CA GLY A 865 -2.05 -26.01 15.94
C GLY A 865 -3.48 -26.46 15.67
N TYR A 866 -3.69 -27.03 14.50
CA TYR A 866 -5.02 -27.50 14.14
C TYR A 866 -5.15 -28.98 14.44
N LEU A 867 -6.24 -29.35 15.11
CA LEU A 867 -6.46 -30.72 15.53
C LEU A 867 -6.38 -31.67 14.35
N ASN A 868 -5.48 -32.67 14.45
CA ASN A 868 -5.33 -33.76 13.49
C ASN A 868 -4.93 -33.28 12.08
N ASP A 869 -4.42 -32.07 11.92
CA ASP A 869 -4.18 -31.48 10.60
C ASP A 869 -2.83 -30.77 10.59
N PRO A 870 -1.74 -31.54 10.60
CA PRO A 870 -0.40 -30.92 10.64
C PRO A 870 -0.02 -30.15 9.38
N GLU A 871 -0.65 -30.45 8.24
CA GLU A 871 -0.27 -29.77 7.00
C GLU A 871 -0.80 -28.35 6.98
N ARG A 872 -2.05 -28.17 7.40
CA ARG A 872 -2.58 -26.83 7.54
C ARG A 872 -1.94 -26.09 8.72
N THR A 873 -1.49 -26.83 9.74
CA THR A 873 -0.75 -26.21 10.82
C THR A 873 0.58 -25.68 10.32
N ALA A 874 1.25 -26.43 9.43
CA ALA A 874 2.53 -25.97 8.90
C ALA A 874 2.37 -24.77 7.98
N ALA A 875 1.19 -24.60 7.38
CA ALA A 875 1.04 -23.52 6.42
C ALA A 875 0.71 -22.19 7.09
N LYS A 876 0.01 -22.22 8.23
CA LYS A 876 -0.42 -21.00 8.91
C LYS A 876 0.43 -20.64 10.11
N PHE A 877 1.08 -21.63 10.74
CA PHE A 877 1.98 -21.40 11.88
C PHE A 877 3.41 -21.58 11.38
N VAL A 878 3.96 -20.51 10.83
CA VAL A 878 5.20 -20.58 10.07
C VAL A 878 6.38 -20.15 10.93
N THR A 879 7.57 -20.38 10.42
CA THR A 879 8.80 -19.89 11.03
C THR A 879 9.23 -18.65 10.26
N LEU A 880 9.26 -17.51 10.93
CA LEU A 880 9.66 -16.27 10.26
C LEU A 880 11.12 -16.39 9.82
N PRO A 881 11.45 -16.03 8.57
CA PRO A 881 12.81 -16.27 8.07
C PRO A 881 13.87 -15.47 8.79
N GLY A 882 13.56 -14.26 9.26
CA GLY A 882 14.61 -13.42 9.81
C GLY A 882 15.00 -13.79 11.21
N THR A 883 14.08 -14.39 11.98
CA THR A 883 14.35 -14.66 13.38
C THR A 883 14.12 -16.10 13.79
N GLY A 884 13.52 -16.93 12.94
CA GLY A 884 13.17 -18.25 13.42
C GLY A 884 12.06 -18.31 14.44
N GLU A 885 11.33 -17.22 14.68
CA GLU A 885 10.19 -17.28 15.58
C GLU A 885 9.01 -17.98 14.91
N ARG A 886 8.30 -18.78 15.70
CA ARG A 886 7.00 -19.27 15.28
C ARG A 886 6.00 -18.11 15.24
N ALA A 887 5.28 -17.98 14.14
CA ALA A 887 4.30 -16.92 13.95
C ALA A 887 3.05 -17.46 13.26
N TYR A 888 1.90 -16.88 13.61
CA TYR A 888 0.64 -17.23 12.98
C TYR A 888 0.29 -16.15 11.95
N LEU A 889 0.07 -16.58 10.69
CA LEU A 889 -0.34 -15.67 9.61
C LEU A 889 -1.85 -15.46 9.68
N THR A 890 -2.27 -14.28 10.12
CA THR A 890 -3.68 -14.01 10.39
C THR A 890 -4.53 -13.93 9.13
N GLY A 891 -3.93 -13.66 7.98
CA GLY A 891 -4.71 -13.31 6.82
C GLY A 891 -5.30 -11.91 6.83
N ASP A 892 -5.16 -11.16 7.93
CA ASP A 892 -5.52 -9.74 8.01
C ASP A 892 -4.36 -8.86 7.53
N PHE A 893 -4.71 -7.65 7.07
CA PHE A 893 -3.73 -6.72 6.53
C PHE A 893 -3.82 -5.39 7.27
N GLY A 894 -2.65 -4.77 7.41
CA GLY A 894 -2.55 -3.50 8.10
C GLY A 894 -1.20 -2.88 7.86
N ARG A 895 -0.89 -1.85 8.64
CA ARG A 895 0.39 -1.17 8.53
C ARG A 895 0.79 -0.64 9.89
N LEU A 896 2.10 -0.55 10.10
CA LEU A 896 2.64 0.00 11.33
C LEU A 896 2.55 1.51 11.33
N LEU A 897 2.30 2.08 12.50
CA LEU A 897 2.15 3.51 12.67
C LEU A 897 3.37 4.06 13.40
N PRO A 898 3.64 5.37 13.22
CA PRO A 898 4.88 5.92 13.80
C PRO A 898 4.99 5.73 15.31
N ASP A 899 3.87 5.70 16.03
CA ASP A 899 3.90 5.50 17.48
C ASP A 899 3.99 4.02 17.90
N GLY A 900 4.19 3.08 16.96
CA GLY A 900 4.29 1.67 17.28
C GLY A 900 3.00 0.89 17.15
N GLY A 901 1.87 1.56 16.98
CA GLY A 901 0.60 0.87 16.86
C GLY A 901 0.42 0.34 15.46
N ILE A 902 -0.72 -0.32 15.27
CA ILE A 902 -1.09 -0.87 13.98
C ILE A 902 -2.44 -0.30 13.55
N GLU A 903 -2.55 0.04 12.27
CA GLU A 903 -3.81 0.40 11.64
C GLU A 903 -4.27 -0.83 10.86
N ILE A 904 -5.44 -1.34 11.18
CA ILE A 904 -5.97 -2.48 10.43
C ILE A 904 -6.60 -1.94 9.15
N LEU A 905 -6.35 -2.61 8.03
CA LEU A 905 -6.78 -2.14 6.72
C LEU A 905 -7.84 -3.03 6.09
N GLY A 906 -7.77 -4.33 6.36
CA GLY A 906 -8.71 -5.29 5.84
C GLY A 906 -8.68 -6.53 6.70
N ARG A 907 -9.86 -6.91 7.23
CA ARG A 907 -10.04 -8.13 8.00
C ARG A 907 -10.41 -9.29 7.08
N GLU A 908 -9.94 -10.49 7.44
CA GLU A 908 -10.18 -11.71 6.64
C GLU A 908 -11.59 -12.27 6.84
N THR A 1027 -26.02 -1.53 -29.54
CA THR A 1027 -25.80 -2.92 -29.93
C THR A 1027 -25.51 -3.00 -31.44
N ASP A 1028 -25.63 -1.86 -32.14
CA ASP A 1028 -25.09 -1.76 -33.49
C ASP A 1028 -23.56 -1.88 -33.47
N VAL A 1029 -22.91 -1.12 -32.59
CA VAL A 1029 -21.47 -1.30 -32.42
C VAL A 1029 -21.16 -2.69 -31.88
N GLY A 1030 -22.02 -3.22 -31.01
CA GLY A 1030 -21.83 -4.57 -30.50
C GLY A 1030 -21.75 -5.60 -31.61
N LEU A 1031 -22.66 -5.50 -32.59
CA LEU A 1031 -22.60 -6.39 -33.73
C LEU A 1031 -21.37 -6.13 -34.59
N LEU A 1032 -21.04 -4.85 -34.84
CA LEU A 1032 -19.80 -4.54 -35.54
C LEU A 1032 -18.59 -5.11 -34.80
N ALA A 1033 -18.60 -5.07 -33.47
CA ALA A 1033 -17.47 -5.61 -32.71
C ALA A 1033 -17.34 -7.12 -32.90
N GLU A 1034 -18.47 -7.85 -32.89
CA GLU A 1034 -18.41 -9.29 -33.16
C GLU A 1034 -17.88 -9.55 -34.57
N LEU A 1035 -18.24 -8.67 -35.53
CA LEU A 1035 -17.72 -8.79 -36.88
C LEU A 1035 -16.21 -8.60 -36.91
N VAL A 1036 -15.73 -7.48 -36.33
CA VAL A 1036 -14.29 -7.24 -36.23
C VAL A 1036 -13.61 -8.44 -35.59
N ALA A 1037 -14.21 -8.98 -34.52
CA ALA A 1037 -13.59 -10.08 -33.78
C ALA A 1037 -13.46 -11.34 -34.62
N ALA A 1038 -14.53 -11.71 -35.34
CA ALA A 1038 -14.49 -12.90 -36.18
C ALA A 1038 -13.45 -12.73 -37.29
N CYS A 1039 -13.43 -11.56 -37.93
CA CYS A 1039 -12.43 -11.28 -38.95
C CYS A 1039 -11.01 -11.32 -38.36
N VAL A 1040 -10.84 -10.77 -37.15
CA VAL A 1040 -9.54 -10.87 -36.47
C VAL A 1040 -9.20 -12.32 -36.19
N ALA A 1041 -10.19 -13.10 -35.74
CA ALA A 1041 -9.93 -14.49 -35.34
C ALA A 1041 -9.42 -15.31 -36.53
N GLU A 1042 -10.03 -15.13 -37.71
CA GLU A 1042 -9.56 -15.83 -38.90
C GLU A 1042 -8.17 -15.36 -39.30
N LEU A 1043 -7.95 -14.04 -39.32
CA LEU A 1043 -6.65 -13.49 -39.70
C LEU A 1043 -5.53 -14.03 -38.81
N LEU A 1044 -5.80 -14.19 -37.51
CA LEU A 1044 -4.77 -14.69 -36.59
C LEU A 1044 -4.75 -16.20 -36.45
N GLY A 1045 -5.75 -16.91 -37.01
CA GLY A 1045 -5.81 -18.35 -36.91
C GLY A 1045 -6.40 -18.90 -35.63
N LEU A 1046 -7.20 -18.11 -34.91
CA LEU A 1046 -7.71 -18.48 -33.61
C LEU A 1046 -9.18 -18.89 -33.72
N ASP A 1047 -9.59 -19.79 -32.82
CA ASP A 1047 -10.99 -20.22 -32.78
C ASP A 1047 -11.88 -19.01 -32.49
N GLU A 1048 -11.88 -18.56 -31.23
CA GLU A 1048 -12.60 -17.37 -30.82
C GLU A 1048 -11.60 -16.25 -30.48
N VAL A 1049 -12.12 -15.03 -30.42
CA VAL A 1049 -11.38 -13.84 -30.01
C VAL A 1049 -12.38 -12.88 -29.38
N PRO A 1050 -12.17 -12.43 -28.15
CA PRO A 1050 -13.15 -11.56 -27.50
C PRO A 1050 -13.12 -10.14 -28.04
N THR A 1051 -14.29 -9.47 -27.97
CA THR A 1051 -14.36 -8.11 -28.48
C THR A 1051 -13.55 -7.14 -27.62
N THR A 1052 -13.24 -7.50 -26.37
CA THR A 1052 -12.42 -6.69 -25.47
C THR A 1052 -10.91 -6.86 -25.70
N GLY A 1053 -10.49 -7.84 -26.50
CA GLY A 1053 -9.06 -8.06 -26.69
C GLY A 1053 -8.36 -6.93 -27.43
N ASN A 1054 -7.10 -6.73 -27.06
CA ASN A 1054 -6.20 -5.83 -27.80
C ASN A 1054 -5.67 -6.61 -28.99
N PHE A 1055 -5.86 -6.07 -30.20
CA PHE A 1055 -5.51 -6.81 -31.41
C PHE A 1055 -4.06 -7.31 -31.36
N PHE A 1056 -3.15 -6.49 -30.85
CA PHE A 1056 -1.73 -6.83 -30.85
C PHE A 1056 -1.36 -7.80 -29.74
N ARG A 1057 -2.09 -7.78 -28.62
CA ARG A 1057 -1.88 -8.77 -27.58
C ARG A 1057 -2.44 -10.13 -27.97
N LEU A 1058 -3.57 -10.15 -28.69
CA LEU A 1058 -4.14 -11.40 -29.19
C LEU A 1058 -3.21 -12.12 -30.16
N GLY A 1059 -2.18 -11.46 -30.68
CA GLY A 1059 -1.27 -12.08 -31.62
C GLY A 1059 -0.94 -11.25 -32.84
N GLY A 1060 -1.59 -10.11 -33.00
CA GLY A 1060 -1.30 -9.24 -34.12
C GLY A 1060 0.09 -8.61 -34.05
N ASP A 1061 0.48 -8.00 -35.16
CA ASP A 1061 1.72 -7.24 -35.27
C ASP A 1061 1.53 -6.16 -36.34
N ALA A 1062 2.62 -5.56 -36.80
CA ALA A 1062 2.51 -4.44 -37.72
C ALA A 1062 1.93 -4.87 -39.06
N LEU A 1063 2.52 -5.90 -39.69
CA LEU A 1063 2.10 -6.27 -41.04
C LEU A 1063 0.70 -6.86 -41.05
N SER A 1064 0.35 -7.66 -40.04
CA SER A 1064 -0.98 -8.24 -40.00
C SER A 1064 -2.04 -7.23 -39.55
N GLY A 1065 -1.65 -6.18 -38.83
CA GLY A 1065 -2.59 -5.12 -38.55
C GLY A 1065 -2.94 -4.31 -39.78
N THR A 1066 -2.02 -4.26 -40.75
CA THR A 1066 -2.32 -3.67 -42.06
C THR A 1066 -3.26 -4.55 -42.87
N ARG A 1067 -3.01 -5.88 -42.88
CA ARG A 1067 -3.95 -6.82 -43.49
C ARG A 1067 -5.32 -6.73 -42.85
N LEU A 1068 -5.38 -6.39 -41.55
CA LEU A 1068 -6.69 -6.28 -40.90
C LEU A 1068 -7.50 -5.14 -41.51
N ALA A 1069 -6.87 -4.00 -41.75
CA ALA A 1069 -7.60 -2.87 -42.34
C ALA A 1069 -8.15 -3.24 -43.71
N SER A 1070 -7.45 -4.08 -44.48
CA SER A 1070 -7.89 -4.48 -45.80
C SER A 1070 -9.02 -5.51 -45.75
N ARG A 1071 -8.92 -6.50 -44.86
CA ARG A 1071 -10.00 -7.47 -44.73
C ARG A 1071 -11.29 -6.79 -44.29
N LEU A 1072 -11.19 -5.78 -43.42
CA LEU A 1072 -12.41 -5.10 -42.98
C LEU A 1072 -12.97 -4.22 -44.10
N GLN A 1073 -12.09 -3.57 -44.88
CA GLN A 1073 -12.56 -2.85 -46.06
C GLN A 1073 -13.30 -3.76 -47.02
N ASP A 1074 -12.77 -4.97 -47.26
CA ASP A 1074 -13.40 -5.90 -48.18
C ASP A 1074 -14.77 -6.31 -47.66
N LEU A 1075 -14.82 -6.81 -46.42
CA LEU A 1075 -16.04 -7.40 -45.88
C LEU A 1075 -17.10 -6.35 -45.59
N LEU A 1076 -16.72 -5.10 -45.32
CA LEU A 1076 -17.68 -4.06 -44.99
C LEU A 1076 -18.12 -3.24 -46.19
N GLY A 1077 -17.29 -3.13 -47.22
CA GLY A 1077 -17.63 -2.27 -48.34
C GLY A 1077 -17.51 -0.80 -48.01
N ALA A 1078 -16.69 -0.46 -47.03
CA ALA A 1078 -16.48 0.91 -46.59
C ALA A 1078 -14.99 1.09 -46.37
N PRO A 1079 -14.50 2.34 -46.42
CA PRO A 1079 -13.06 2.55 -46.20
C PRO A 1079 -12.72 2.47 -44.71
N VAL A 1080 -11.72 1.64 -44.40
CA VAL A 1080 -11.20 1.50 -43.04
C VAL A 1080 -9.71 1.80 -43.09
N PRO A 1081 -9.31 3.06 -42.91
CA PRO A 1081 -7.88 3.42 -42.98
C PRO A 1081 -7.02 2.65 -41.98
N ILE A 1082 -5.75 2.49 -42.34
CA ILE A 1082 -4.81 1.77 -41.47
C ILE A 1082 -4.63 2.51 -40.14
N ARG A 1083 -4.55 3.85 -40.17
CA ARG A 1083 -4.50 4.64 -38.94
C ARG A 1083 -5.65 4.30 -37.99
N THR A 1084 -6.80 3.87 -38.53
CA THR A 1084 -7.94 3.57 -37.67
C THR A 1084 -7.77 2.24 -36.95
N VAL A 1085 -7.08 1.27 -37.56
CA VAL A 1085 -6.83 0.03 -36.87
C VAL A 1085 -5.77 0.23 -35.80
N PHE A 1086 -4.71 0.97 -36.12
CA PHE A 1086 -3.65 1.21 -35.13
C PHE A 1086 -4.10 2.16 -34.05
N GLY A 1087 -4.95 3.14 -34.37
CA GLY A 1087 -5.44 4.03 -33.32
C GLY A 1087 -6.47 3.40 -32.41
N ASN A 1088 -6.97 2.21 -32.73
CA ASN A 1088 -7.95 1.52 -31.88
C ASN A 1088 -7.61 0.04 -31.81
N PRO A 1089 -6.55 -0.31 -31.07
CA PRO A 1089 -6.17 -1.73 -30.94
C PRO A 1089 -7.25 -2.60 -30.31
N VAL A 1090 -8.08 -2.04 -29.43
CA VAL A 1090 -9.11 -2.83 -28.76
C VAL A 1090 -10.28 -3.02 -29.71
N LEU A 1091 -10.66 -4.28 -29.93
CA LEU A 1091 -11.58 -4.61 -31.03
C LEU A 1091 -12.91 -3.86 -30.88
N GLY A 1092 -13.43 -3.77 -29.66
CA GLY A 1092 -14.61 -2.93 -29.43
C GLY A 1092 -14.37 -1.46 -29.77
N ASP A 1093 -13.16 -0.95 -29.49
CA ASP A 1093 -12.82 0.44 -29.82
C ASP A 1093 -12.71 0.66 -31.33
N LEU A 1094 -12.25 -0.37 -32.07
CA LEU A 1094 -12.22 -0.27 -33.53
C LEU A 1094 -13.64 -0.25 -34.09
N ALA A 1095 -14.51 -1.12 -33.57
CA ALA A 1095 -15.92 -1.07 -33.95
C ALA A 1095 -16.49 0.33 -33.76
N SER A 1096 -16.29 0.92 -32.58
CA SER A 1096 -16.82 2.25 -32.31
C SER A 1096 -16.21 3.29 -33.24
N ALA A 1097 -14.92 3.17 -33.56
CA ALA A 1097 -14.32 4.15 -34.48
C ALA A 1097 -14.90 4.01 -35.88
N ILE A 1098 -15.16 2.78 -36.32
CA ILE A 1098 -15.72 2.56 -37.65
C ILE A 1098 -17.18 3.04 -37.68
N ALA A 1099 -17.97 2.61 -36.71
CA ALA A 1099 -19.37 3.04 -36.62
C ALA A 1099 -19.51 4.56 -36.43
N GLY A 1100 -18.52 5.23 -35.87
CA GLY A 1100 -18.57 6.67 -35.72
C GLY A 1100 -17.99 7.45 -36.88
N ASP A 1101 -17.42 6.75 -37.85
CA ASP A 1101 -16.87 7.39 -39.04
C ASP A 1101 -18.02 7.75 -39.98
N PRO A 1102 -18.19 9.02 -40.34
CA PRO A 1102 -19.28 9.36 -41.28
C PRO A 1102 -19.14 8.67 -42.63
N ALA A 1103 -17.91 8.61 -43.17
CA ALA A 1103 -17.54 8.02 -44.46
C ALA A 1103 -17.65 6.46 -44.49
N ALA A 1104 -18.15 5.75 -43.46
CA ALA A 1104 -18.07 4.30 -43.44
C ALA A 1104 -19.09 3.73 -42.46
N GLY A 1105 -19.50 4.55 -41.50
CA GLY A 1105 -20.37 4.13 -40.42
C GLY A 1105 -21.64 3.45 -40.85
N PRO A 1106 -22.53 4.20 -41.53
CA PRO A 1106 -23.85 3.60 -41.89
C PRO A 1106 -23.69 2.31 -42.69
N GLN A 1107 -22.80 2.31 -43.68
CA GLN A 1107 -22.50 1.09 -44.42
C GLN A 1107 -22.08 -0.04 -43.48
N ALA A 1108 -21.10 0.24 -42.60
CA ALA A 1108 -20.58 -0.81 -41.72
C ALA A 1108 -21.68 -1.37 -40.82
N ILE A 1109 -22.52 -0.50 -40.26
CA ILE A 1109 -23.60 -0.98 -39.38
C ILE A 1109 -24.60 -1.84 -40.16
N ARG A 1110 -24.84 -1.51 -41.43
CA ARG A 1110 -25.72 -2.33 -42.25
C ARG A 1110 -25.17 -3.74 -42.38
N VAL A 1111 -23.89 -3.88 -42.74
CA VAL A 1111 -23.29 -5.21 -42.92
C VAL A 1111 -23.27 -5.96 -41.59
N ALA A 1112 -23.01 -5.27 -40.48
CA ALA A 1112 -22.92 -5.96 -39.18
C ALA A 1112 -24.25 -6.61 -38.82
N ARG A 1113 -25.37 -5.91 -39.09
CA ARG A 1113 -26.72 -6.44 -38.91
C ARG A 1113 -27.06 -7.65 -39.79
N LEU A 1114 -26.07 -8.19 -40.52
CA LEU A 1114 -26.20 -9.35 -41.41
C LEU A 1114 -27.19 -9.07 -42.54
#